data_4X7F
#
_entry.id   4X7F
#
_cell.length_a   49.280
_cell.length_b   112.980
_cell.length_c   142.890
_cell.angle_alpha   90.000
_cell.angle_beta   90.000
_cell.angle_gamma   90.000
#
_symmetry.space_group_name_H-M   'P 21 21 21'
#
loop_
_entity.id
_entity.type
_entity.pdbx_description
1 polymer 'Capsid protein'
2 polymer 'Nano-25 Nanobody'
3 non-polymer 'SODIUM ION'
4 non-polymer 1,2-ETHANEDIOL
5 non-polymer 'PHOSPHATE ION'
6 non-polymer IMIDAZOLE
7 water water
#
loop_
_entity_poly.entity_id
_entity_poly.type
_entity_poly.pdbx_seq_one_letter_code
_entity_poly.pdbx_strand_id
1 'polypeptide(L)'
;SKPFTLPILTLGELTNSRFPLPIDVLYTNPNESAIVQCQNGRCTLDGELQGTTQLLPTGICAFRGKVTQQVQDEHRGTHW
NMTVTNLNGTPFDPTEDVPAPLGTPDFSGQIYGVISQRNTNTVPGEGNLPANRAHEAVIATYSPKFTPKLGNIQFSTWET
QDVSSGQPTKFTPVGLASVDANSHFDQWTLPSYSGALTLNMNLAPSVAPVFPGECLLFFRSFIPLKGGYGNPAIDCLMPQ
EWVQHLYQESAPSLSDVALVRYVNPETGRTLFEAKLHRNGFLTVARNSAGPVVAPTNGYFRFDSWVNQFYTLAPM
;
A,B
2 'polypeptide(L)'
;DVQLVESGGGLVQPGGSLRLSCAASESILSFNHMAWYRQGPGEQRELVAVITREGSTDYADSVKGRFTISRDNAKNMVYL
LMSNLRPEDTAVYYCNRGISNPWGQGTQVTVSSHHHHHH
;
C,D
#
# COMPACT_ATOMS: atom_id res chain seq x y z
N LYS A 2 6.29 2.50 24.05
CA LYS A 2 6.66 1.81 22.82
C LYS A 2 7.72 2.58 22.05
N PRO A 3 8.85 1.91 21.76
CA PRO A 3 9.95 2.60 21.09
C PRO A 3 9.59 2.93 19.63
N PHE A 4 10.05 4.08 19.17
CA PHE A 4 9.80 4.49 17.80
C PHE A 4 10.62 3.61 16.84
N THR A 5 10.01 3.23 15.74
CA THR A 5 10.69 2.48 14.68
C THR A 5 10.24 2.92 13.30
N LEU A 6 11.11 2.68 12.31
CA LEU A 6 10.75 2.82 10.90
C LEU A 6 10.68 1.40 10.30
N PRO A 7 9.87 1.20 9.27
CA PRO A 7 9.86 -0.14 8.63
C PRO A 7 11.19 -0.42 7.93
N ILE A 8 11.56 -1.69 7.81
CA ILE A 8 12.81 -2.05 7.14
C ILE A 8 12.47 -2.29 5.68
N LEU A 9 12.63 -1.23 4.88
CA LEU A 9 12.24 -1.27 3.49
C LEU A 9 13.22 -0.47 2.66
N THR A 10 13.73 -1.07 1.62
CA THR A 10 14.63 -0.35 0.70
C THR A 10 13.82 0.57 -0.21
N LEU A 11 14.50 1.43 -0.97
CA LEU A 11 13.78 2.37 -1.85
C LEU A 11 12.91 1.60 -2.83
N GLY A 12 13.38 0.43 -3.24
CA GLY A 12 12.65 -0.40 -4.18
C GLY A 12 11.47 -1.13 -3.54
N GLU A 13 11.26 -0.91 -2.25
CA GLU A 13 10.09 -1.47 -1.57
C GLU A 13 9.16 -0.37 -1.05
N LEU A 14 9.35 0.85 -1.56
CA LEU A 14 8.55 2.00 -1.12
C LEU A 14 7.65 2.56 -2.23
N THR A 15 6.50 3.11 -1.85
CA THR A 15 5.64 3.79 -2.81
C THR A 15 5.31 5.22 -2.36
N ASN A 16 4.98 6.03 -3.36
CA ASN A 16 4.71 7.44 -3.13
C ASN A 16 3.38 7.61 -2.40
N SER A 17 3.32 8.56 -1.48
CA SER A 17 2.10 8.79 -0.72
C SER A 17 1.21 9.87 -1.37
N ARG A 18 1.70 10.51 -2.44
CA ARG A 18 0.97 11.57 -3.10
C ARG A 18 0.44 11.18 -4.50
N PHE A 19 0.92 10.05 -5.02
CA PHE A 19 0.41 9.53 -6.31
C PHE A 19 0.79 8.07 -6.33
N PRO A 20 -0.04 7.21 -6.97
CA PRO A 20 0.27 5.76 -6.91
C PRO A 20 1.43 5.35 -7.79
N LEU A 21 2.62 5.57 -7.27
CA LEU A 21 3.87 5.32 -8.01
C LEU A 21 4.90 4.71 -7.07
N PRO A 22 5.79 3.86 -7.60
CA PRO A 22 6.91 3.44 -6.76
C PRO A 22 7.83 4.63 -6.51
N ILE A 23 8.57 4.62 -5.41
CA ILE A 23 9.64 5.60 -5.22
C ILE A 23 10.82 5.29 -6.15
N ASP A 24 11.29 6.32 -6.85
CA ASP A 24 12.40 6.16 -7.79
C ASP A 24 13.74 6.59 -7.21
N VAL A 25 13.76 7.78 -6.61
CA VAL A 25 15.03 8.30 -6.07
C VAL A 25 14.73 9.15 -4.83
N LEU A 26 15.71 9.31 -3.95
CA LEU A 26 15.63 10.38 -2.94
C LEU A 26 16.09 11.66 -3.61
N TYR A 27 15.61 12.81 -3.14
CA TYR A 27 15.82 14.03 -3.90
C TYR A 27 15.88 15.25 -2.97
N THR A 28 16.75 16.20 -3.30
CA THR A 28 16.70 17.50 -2.61
C THR A 28 16.64 18.64 -3.62
N ASN A 29 16.08 19.77 -3.20
CA ASN A 29 16.17 20.96 -4.04
C ASN A 29 16.19 22.20 -3.16
N PRO A 30 17.36 22.52 -2.58
CA PRO A 30 17.53 23.59 -1.60
C PRO A 30 17.14 24.95 -2.15
N ASN A 31 17.21 25.11 -3.48
CA ASN A 31 16.91 26.39 -4.10
C ASN A 31 15.43 26.60 -4.37
N GLU A 32 14.61 25.61 -4.06
CA GLU A 32 13.17 25.71 -4.18
C GLU A 32 12.67 26.64 -3.10
N SER A 33 11.99 27.72 -3.47
CA SER A 33 11.48 28.67 -2.49
C SER A 33 10.00 28.45 -2.18
N ALA A 34 9.40 27.47 -2.86
CA ALA A 34 7.96 27.24 -2.76
C ALA A 34 7.56 26.89 -1.35
N ILE A 35 6.30 27.11 -1.03
CA ILE A 35 5.78 26.63 0.24
C ILE A 35 5.34 25.18 0.08
N VAL A 36 6.00 24.29 0.82
CA VAL A 36 5.71 22.85 0.74
C VAL A 36 4.60 22.54 1.74
N GLN A 37 3.41 22.26 1.23
CA GLN A 37 2.22 22.08 2.10
C GLN A 37 1.32 21.02 1.50
N CYS A 38 1.93 19.92 1.08
CA CYS A 38 1.12 18.83 0.54
C CYS A 38 0.21 18.27 1.63
N GLN A 39 -0.87 17.63 1.17
CA GLN A 39 -1.94 17.21 2.08
C GLN A 39 -2.07 15.71 2.13
N ASN A 40 -1.52 15.04 1.10
CA ASN A 40 -1.42 13.57 1.14
C ASN A 40 -0.03 13.21 1.63
N GLY A 41 0.12 12.03 2.22
CA GLY A 41 1.39 11.63 2.79
C GLY A 41 1.78 12.42 4.02
N ARG A 42 0.77 12.83 4.79
CA ARG A 42 1.01 13.61 6.01
C ARG A 42 0.61 12.80 7.24
N CYS A 43 1.59 12.54 8.09
CA CYS A 43 1.36 11.73 9.28
C CYS A 43 2.40 12.09 10.32
N THR A 44 1.97 12.34 11.55
CA THR A 44 2.91 12.60 12.62
C THR A 44 3.65 11.35 13.00
N LEU A 45 4.77 11.50 13.69
CA LEU A 45 5.56 10.33 14.06
C LEU A 45 4.85 9.44 15.07
N ASP A 46 3.87 9.99 15.79
CA ASP A 46 3.10 9.12 16.68
C ASP A 46 1.82 8.61 16.02
N GLY A 47 1.73 8.73 14.71
CA GLY A 47 0.72 8.00 13.92
C GLY A 47 -0.60 8.70 13.68
N GLU A 48 -0.62 10.02 13.76
CA GLU A 48 -1.84 10.76 13.43
C GLU A 48 -1.82 11.31 12.00
N LEU A 49 -2.77 10.86 11.19
CA LEU A 49 -2.94 11.34 9.81
C LEU A 49 -3.36 12.79 9.75
N GLN A 50 -2.89 13.49 8.73
CA GLN A 50 -3.22 14.91 8.59
C GLN A 50 -3.72 15.20 7.19
N GLY A 51 -4.25 16.41 6.98
CA GLY A 51 -4.65 16.83 5.64
C GLY A 51 -5.72 15.93 5.07
N THR A 52 -5.50 15.46 3.84
CA THR A 52 -6.41 14.51 3.18
C THR A 52 -5.86 13.08 3.19
N THR A 53 -4.90 12.82 4.08
CA THR A 53 -4.20 11.53 4.05
C THR A 53 -5.06 10.38 4.56
N GLN A 54 -5.06 9.29 3.80
CA GLN A 54 -5.72 8.08 4.24
C GLN A 54 -4.78 6.91 3.95
N LEU A 55 -5.21 5.72 4.33
CA LEU A 55 -4.27 4.61 4.44
C LEU A 55 -4.16 3.78 3.15
N LEU A 56 -5.21 3.77 2.32
CA LEU A 56 -5.20 2.89 1.13
C LEU A 56 -4.30 3.41 0.03
N PRO A 57 -3.39 2.56 -0.45
CA PRO A 57 -2.63 2.99 -1.63
C PRO A 57 -3.55 3.26 -2.85
N THR A 58 -4.66 2.53 -2.93
CA THR A 58 -5.64 2.68 -4.01
C THR A 58 -6.48 3.95 -3.90
N GLY A 59 -6.38 4.64 -2.77
CA GLY A 59 -7.18 5.83 -2.55
C GLY A 59 -6.47 7.12 -2.91
N ILE A 60 -5.15 7.05 -3.15
CA ILE A 60 -4.39 8.27 -3.41
C ILE A 60 -4.71 8.81 -4.78
N CYS A 61 -5.22 10.05 -4.82
CA CYS A 61 -5.69 10.73 -6.06
C CYS A 61 -6.82 9.96 -6.75
N ALA A 62 -7.57 9.20 -5.98
CA ALA A 62 -8.73 8.50 -6.51
C ALA A 62 -10.00 9.30 -6.18
N PHE A 63 -11.04 9.11 -6.99
CA PHE A 63 -12.37 9.61 -6.65
C PHE A 63 -13.41 8.52 -6.81
N ARG A 64 -14.43 8.60 -5.98
CA ARG A 64 -15.61 7.73 -6.11
C ARG A 64 -16.82 8.63 -6.11
N GLY A 65 -17.85 8.29 -6.87
CA GLY A 65 -19.06 9.09 -6.87
C GLY A 65 -20.02 8.68 -7.96
N LYS A 66 -20.80 9.65 -8.45
CA LYS A 66 -21.76 9.41 -9.53
C LYS A 66 -21.76 10.59 -10.49
N VAL A 67 -21.79 10.29 -11.77
CA VAL A 67 -21.93 11.35 -12.76
C VAL A 67 -23.35 11.88 -12.72
N THR A 68 -23.51 13.20 -12.73
CA THR A 68 -24.86 13.76 -12.74
C THR A 68 -25.32 14.09 -14.15
N GLN A 69 -24.45 14.71 -14.93
CA GLN A 69 -24.81 15.11 -16.29
C GLN A 69 -23.57 15.52 -17.10
N GLN A 70 -23.71 15.51 -18.41
CA GLN A 70 -22.74 16.16 -19.27
C GLN A 70 -22.90 17.67 -19.09
N VAL A 71 -21.79 18.39 -19.18
CA VAL A 71 -21.76 19.83 -19.01
C VAL A 71 -21.29 20.47 -20.29
N GLN A 72 -21.94 21.56 -20.66
CA GLN A 72 -21.59 22.35 -21.84
C GLN A 72 -20.17 22.88 -21.73
N ASP A 73 -19.35 22.58 -22.75
CA ASP A 73 -18.02 23.15 -22.82
C ASP A 73 -17.58 23.28 -24.28
N GLU A 74 -17.27 24.50 -24.71
CA GLU A 74 -17.00 24.78 -26.13
C GLU A 74 -15.54 24.49 -26.49
N HIS A 75 -14.76 24.11 -25.47
CA HIS A 75 -13.42 23.57 -25.69
C HIS A 75 -13.50 22.16 -26.31
N ARG A 76 -12.46 21.78 -27.03
CA ARG A 76 -12.35 20.42 -27.56
C ARG A 76 -12.40 19.46 -26.37
N GLY A 77 -13.05 18.32 -26.56
CA GLY A 77 -13.26 17.41 -25.46
C GLY A 77 -14.67 17.56 -24.90
N THR A 78 -15.04 16.61 -24.05
CA THR A 78 -16.39 16.51 -23.53
C THR A 78 -16.33 16.54 -22.02
N HIS A 79 -17.23 17.30 -21.40
CA HIS A 79 -17.10 17.52 -19.96
C HIS A 79 -18.29 16.96 -19.20
N TRP A 80 -18.00 16.47 -17.99
CA TRP A 80 -18.97 15.79 -17.17
C TRP A 80 -18.93 16.26 -15.73
N ASN A 81 -20.11 16.37 -15.12
CA ASN A 81 -20.20 16.70 -13.70
C ASN A 81 -20.35 15.45 -12.85
N MET A 82 -19.57 15.37 -11.77
CA MET A 82 -19.55 14.18 -10.93
C MET A 82 -19.68 14.56 -9.46
N THR A 83 -20.69 13.99 -8.80
CA THR A 83 -20.75 14.11 -7.34
C THR A 83 -19.68 13.20 -6.75
N VAL A 84 -18.90 13.69 -5.80
CA VAL A 84 -17.91 12.81 -5.19
C VAL A 84 -18.31 12.46 -3.77
N THR A 85 -18.09 11.20 -3.42
CA THR A 85 -18.34 10.70 -2.08
C THR A 85 -17.00 10.46 -1.37
N ASN A 86 -17.08 10.02 -0.11
CA ASN A 86 -15.93 9.42 0.53
C ASN A 86 -15.54 8.18 -0.22
N LEU A 87 -14.29 7.75 -0.07
CA LEU A 87 -13.82 6.60 -0.84
C LEU A 87 -14.55 5.33 -0.44
N ASN A 88 -15.15 5.33 0.75
CA ASN A 88 -15.90 4.13 1.16
C ASN A 88 -17.35 4.17 0.65
N GLY A 89 -17.66 5.18 -0.14
CA GLY A 89 -18.97 5.30 -0.77
C GLY A 89 -19.99 6.11 0.02
N THR A 90 -19.71 6.40 1.28
CA THR A 90 -20.63 7.21 2.09
C THR A 90 -20.55 8.65 1.59
N PRO A 91 -21.65 9.41 1.70
CA PRO A 91 -21.63 10.81 1.23
C PRO A 91 -20.63 11.66 1.99
N PHE A 92 -19.95 12.55 1.28
CA PHE A 92 -18.98 13.42 1.92
C PHE A 92 -19.69 14.58 2.60
N ASP A 93 -19.31 14.83 3.85
CA ASP A 93 -19.85 15.94 4.62
C ASP A 93 -18.95 17.16 4.48
N PRO A 94 -19.39 18.19 3.74
CA PRO A 94 -18.52 19.35 3.54
C PRO A 94 -18.15 20.06 4.84
N THR A 95 -18.90 19.84 5.92
CA THR A 95 -18.59 20.48 7.20
C THR A 95 -17.59 19.68 8.03
N GLU A 96 -17.18 18.53 7.52
CA GLU A 96 -16.15 17.71 8.18
C GLU A 96 -14.87 18.55 8.25
N ASP A 97 -14.14 18.44 9.35
CA ASP A 97 -12.95 19.27 9.50
C ASP A 97 -11.75 18.65 8.77
N VAL A 98 -11.91 18.47 7.46
CA VAL A 98 -10.81 18.07 6.58
C VAL A 98 -10.84 18.98 5.35
N PRO A 99 -9.74 19.03 4.60
CA PRO A 99 -9.74 19.94 3.44
C PRO A 99 -10.68 19.54 2.29
N ALA A 100 -10.92 18.23 2.17
CA ALA A 100 -11.56 17.60 1.04
C ALA A 100 -11.72 16.11 1.39
N PRO A 101 -12.46 15.34 0.59
CA PRO A 101 -12.51 13.89 0.88
C PRO A 101 -11.09 13.30 0.93
N LEU A 102 -10.85 12.38 1.85
CA LEU A 102 -9.50 11.84 1.96
C LEU A 102 -9.13 11.18 0.64
N GLY A 103 -7.87 11.38 0.26
CA GLY A 103 -7.37 10.85 -1.01
C GLY A 103 -7.42 11.87 -2.16
N THR A 104 -8.21 12.93 -2.00
CA THR A 104 -8.26 13.99 -3.02
C THR A 104 -6.85 14.46 -3.43
N PRO A 105 -6.59 14.69 -4.74
CA PRO A 105 -5.28 15.20 -5.18
C PRO A 105 -4.92 16.49 -4.47
N ASP A 106 -3.63 16.65 -4.18
CA ASP A 106 -3.21 17.80 -3.38
C ASP A 106 -2.31 18.74 -4.19
N PHE A 107 -2.43 18.73 -5.52
CA PHE A 107 -1.64 19.64 -6.33
C PHE A 107 -2.39 20.12 -7.56
N SER A 108 -1.92 21.24 -8.11
CA SER A 108 -2.46 21.83 -9.29
C SER A 108 -1.97 21.08 -10.51
N GLY A 109 -2.90 20.67 -11.36
CA GLY A 109 -2.50 20.01 -12.60
C GLY A 109 -3.66 19.36 -13.33
N GLN A 110 -3.36 18.77 -14.49
CA GLN A 110 -4.33 17.96 -15.22
C GLN A 110 -4.03 16.50 -14.91
N ILE A 111 -4.82 15.92 -14.03
CA ILE A 111 -4.58 14.54 -13.62
C ILE A 111 -5.27 13.61 -14.58
N TYR A 112 -4.50 12.67 -15.13
CA TYR A 112 -4.96 11.78 -16.19
C TYR A 112 -5.27 10.41 -15.59
N GLY A 113 -6.36 9.78 -15.98
CA GLY A 113 -6.66 8.46 -15.46
C GLY A 113 -7.78 7.83 -16.23
N VAL A 114 -8.44 6.86 -15.61
CA VAL A 114 -9.56 6.18 -16.26
C VAL A 114 -10.78 6.32 -15.35
N ILE A 115 -11.88 6.75 -15.94
CA ILE A 115 -13.19 6.71 -15.32
C ILE A 115 -13.87 5.41 -15.71
N SER A 116 -14.32 4.66 -14.72
CA SER A 116 -15.08 3.44 -15.00
C SER A 116 -16.39 3.44 -14.23
N GLN A 117 -17.37 2.75 -14.79
CA GLN A 117 -18.69 2.67 -14.18
C GLN A 117 -19.21 1.24 -14.21
N ARG A 118 -19.93 0.87 -13.17
CA ARG A 118 -20.73 -0.34 -13.17
C ARG A 118 -22.15 0.00 -12.77
N ASN A 119 -23.11 -0.29 -13.64
CA ASN A 119 -24.50 0.11 -13.37
C ASN A 119 -25.06 -0.62 -12.16
N THR A 120 -26.03 -0.02 -11.46
CA THR A 120 -26.61 -0.66 -10.29
C THR A 120 -27.76 -1.57 -10.71
N ASN A 121 -28.39 -1.23 -11.83
CA ASN A 121 -29.55 -1.97 -12.33
C ASN A 121 -29.10 -2.99 -13.38
N THR A 122 -29.85 -4.06 -13.51
CA THR A 122 -29.45 -5.16 -14.41
C THR A 122 -30.52 -5.44 -15.45
N ASN A 128 -29.13 -10.93 -15.66
CA ASN A 128 -29.13 -10.22 -14.39
C ASN A 128 -27.76 -9.67 -14.04
N LEU A 129 -27.02 -9.25 -15.06
CA LEU A 129 -25.69 -8.65 -14.89
C LEU A 129 -25.67 -7.21 -15.39
N PRO A 130 -24.98 -6.34 -14.67
CA PRO A 130 -24.98 -4.91 -14.99
C PRO A 130 -24.07 -4.55 -16.16
N ALA A 131 -24.42 -3.48 -16.87
CA ALA A 131 -23.58 -2.92 -17.91
C ALA A 131 -22.39 -2.14 -17.31
N ASN A 132 -21.31 -2.05 -18.08
CA ASN A 132 -20.06 -1.41 -17.66
C ASN A 132 -19.48 -0.55 -18.75
N ARG A 133 -18.73 0.47 -18.39
CA ARG A 133 -17.94 1.20 -19.39
C ARG A 133 -16.76 1.84 -18.70
N ALA A 134 -15.66 2.04 -19.42
CA ALA A 134 -14.54 2.80 -18.89
C ALA A 134 -13.91 3.62 -20.01
N HIS A 135 -13.49 4.84 -19.69
CA HIS A 135 -12.84 5.72 -20.67
C HIS A 135 -11.75 6.55 -20.02
N GLU A 136 -10.74 6.94 -20.80
CA GLU A 136 -9.72 7.85 -20.31
C GLU A 136 -10.35 9.19 -19.94
N ALA A 137 -9.83 9.81 -18.90
CA ALA A 137 -10.39 11.07 -18.42
C ALA A 137 -9.32 11.98 -17.82
N VAL A 138 -9.62 13.27 -17.79
CA VAL A 138 -8.71 14.23 -17.19
C VAL A 138 -9.44 15.08 -16.17
N ILE A 139 -8.83 15.27 -14.99
CA ILE A 139 -9.39 16.17 -13.98
C ILE A 139 -8.43 17.36 -13.78
N ALA A 140 -8.91 18.57 -14.10
CA ALA A 140 -8.11 19.79 -13.91
C ALA A 140 -8.36 20.32 -12.50
N THR A 141 -7.39 20.13 -11.62
CA THR A 141 -7.57 20.48 -10.22
C THR A 141 -7.48 21.97 -9.95
N TYR A 142 -7.03 22.73 -10.95
CA TYR A 142 -6.95 24.20 -10.84
C TYR A 142 -8.24 24.88 -11.33
N SER A 143 -9.17 24.09 -11.87
CA SER A 143 -10.40 24.65 -12.43
C SER A 143 -11.36 25.14 -11.35
N PRO A 144 -12.12 26.23 -11.62
CA PRO A 144 -13.12 26.67 -10.65
C PRO A 144 -14.20 25.60 -10.46
N LYS A 145 -14.26 24.64 -11.37
CA LYS A 145 -15.22 23.53 -11.26
C LYS A 145 -14.69 22.38 -10.38
N PHE A 146 -13.42 22.46 -9.97
CA PHE A 146 -12.87 21.44 -9.08
C PHE A 146 -13.20 21.83 -7.63
N THR A 147 -14.34 21.33 -7.11
CA THR A 147 -14.76 21.71 -5.75
C THR A 147 -15.08 20.49 -4.88
N PRO A 148 -14.09 19.60 -4.68
CA PRO A 148 -14.35 18.34 -3.94
C PRO A 148 -14.82 18.59 -2.51
N LYS A 149 -14.42 19.72 -1.90
CA LYS A 149 -14.88 20.00 -0.55
C LYS A 149 -16.38 20.26 -0.52
N LEU A 150 -16.92 20.66 -1.68
CA LEU A 150 -18.36 20.86 -1.83
C LEU A 150 -19.07 19.62 -2.37
N GLY A 151 -18.31 18.55 -2.61
CA GLY A 151 -18.86 17.27 -3.05
C GLY A 151 -19.05 17.18 -4.56
N ASN A 152 -18.36 18.03 -5.29
CA ASN A 152 -18.60 18.07 -6.73
C ASN A 152 -17.35 18.40 -7.53
N ILE A 153 -17.07 17.63 -8.58
CA ILE A 153 -15.96 17.94 -9.50
C ILE A 153 -16.41 17.73 -10.94
N GLN A 154 -15.55 18.13 -11.89
CA GLN A 154 -15.79 17.87 -13.30
C GLN A 154 -14.59 17.13 -13.88
N PHE A 155 -14.85 16.27 -14.86
CA PHE A 155 -13.76 15.66 -15.61
C PHE A 155 -14.06 15.77 -17.10
N SER A 156 -13.03 15.64 -17.93
CA SER A 156 -13.21 15.68 -19.37
C SER A 156 -12.77 14.36 -19.97
N THR A 157 -13.40 14.01 -21.09
CA THR A 157 -13.10 12.78 -21.80
C THR A 157 -12.88 13.07 -23.29
N TRP A 158 -12.14 12.19 -23.94
CA TRP A 158 -12.11 12.11 -25.39
C TRP A 158 -13.41 11.53 -25.90
N GLU A 159 -13.93 10.55 -25.16
CA GLU A 159 -15.22 9.93 -25.49
C GLU A 159 -16.35 10.97 -25.46
N THR A 160 -17.29 10.91 -26.40
CA THR A 160 -18.27 11.99 -26.49
C THR A 160 -19.62 11.68 -25.87
N GLN A 161 -19.92 10.39 -25.68
CA GLN A 161 -21.28 10.03 -25.31
C GLN A 161 -21.35 8.96 -24.22
N ASP A 162 -20.38 8.05 -24.22
CA ASP A 162 -20.50 6.81 -23.49
C ASP A 162 -20.12 6.92 -22.03
N VAL A 163 -20.73 7.86 -21.32
CA VAL A 163 -20.63 8.01 -19.86
C VAL A 163 -22.03 8.14 -19.32
N SER A 164 -22.40 7.33 -18.34
CA SER A 164 -23.81 7.26 -17.92
C SER A 164 -24.06 8.11 -16.69
N SER A 165 -25.18 8.83 -16.69
CA SER A 165 -25.56 9.61 -15.52
C SER A 165 -26.19 8.70 -14.47
N GLY A 166 -25.97 9.03 -13.19
CA GLY A 166 -26.65 8.34 -12.10
C GLY A 166 -26.08 6.97 -11.77
N GLN A 167 -24.91 6.65 -12.31
CA GLN A 167 -24.30 5.34 -12.11
C GLN A 167 -23.00 5.46 -11.33
N PRO A 168 -22.71 4.47 -10.48
CA PRO A 168 -21.48 4.46 -9.69
C PRO A 168 -20.25 4.62 -10.56
N THR A 169 -19.37 5.52 -10.14
CA THR A 169 -18.26 5.94 -10.97
C THR A 169 -16.99 5.95 -10.16
N LYS A 170 -15.92 5.43 -10.75
CA LYS A 170 -14.62 5.37 -10.13
C LYS A 170 -13.60 6.07 -11.00
N PHE A 171 -12.73 6.89 -10.39
CA PHE A 171 -11.57 7.43 -11.11
C PHE A 171 -10.32 6.70 -10.63
N THR A 172 -9.64 6.01 -11.56
CA THR A 172 -8.33 5.39 -11.29
C THR A 172 -7.24 6.30 -11.85
N PRO A 173 -6.42 6.91 -10.98
CA PRO A 173 -5.36 7.80 -11.50
C PRO A 173 -4.25 7.05 -12.22
N VAL A 174 -3.68 7.65 -13.27
CA VAL A 174 -2.58 7.02 -13.99
C VAL A 174 -1.37 7.97 -14.09
N GLY A 175 -1.62 9.26 -14.32
CA GLY A 175 -0.53 10.19 -14.41
C GLY A 175 -1.05 11.61 -14.64
N LEU A 176 -0.32 12.35 -15.47
CA LEU A 176 -0.72 13.71 -15.86
C LEU A 176 -1.10 13.73 -17.34
N ALA A 177 -2.04 14.59 -17.71
CA ALA A 177 -2.41 14.71 -19.12
C ALA A 177 -1.34 15.49 -19.89
N SER A 178 -0.79 16.50 -19.22
CA SER A 178 0.15 17.42 -19.85
C SER A 178 0.94 18.16 -18.79
N VAL A 179 2.14 18.64 -19.13
CA VAL A 179 2.81 19.61 -18.25
C VAL A 179 3.18 20.86 -19.03
N ASP A 180 2.45 21.13 -20.10
CA ASP A 180 2.76 22.33 -20.87
C ASP A 180 2.29 23.58 -20.11
N ALA A 181 2.60 24.76 -20.64
CA ALA A 181 2.38 26.02 -19.93
C ALA A 181 0.93 26.21 -19.50
N ASN A 182 -0.02 25.74 -20.31
CA ASN A 182 -1.43 25.90 -20.01
C ASN A 182 -1.97 24.82 -19.11
N SER A 183 -1.13 23.88 -18.69
CA SER A 183 -1.64 22.77 -17.90
C SER A 183 -1.55 23.03 -16.41
N HIS A 184 -0.86 24.13 -16.07
CA HIS A 184 -0.73 24.59 -14.70
C HIS A 184 -0.26 23.52 -13.72
N PHE A 185 0.73 22.73 -14.14
CA PHE A 185 1.24 21.72 -13.23
C PHE A 185 2.19 22.38 -12.24
N ASP A 186 1.85 22.30 -10.96
CA ASP A 186 2.74 22.78 -9.91
C ASP A 186 2.49 21.93 -8.69
N GLN A 187 3.43 21.04 -8.37
CA GLN A 187 3.16 20.08 -7.32
C GLN A 187 3.04 20.71 -5.93
N TRP A 188 3.44 21.96 -5.77
CA TRP A 188 3.38 22.60 -4.46
C TRP A 188 2.26 23.64 -4.36
N THR A 189 1.48 23.77 -5.43
CA THR A 189 0.31 24.64 -5.42
C THR A 189 -0.92 23.80 -5.08
N LEU A 190 -1.57 24.12 -3.96
CA LEU A 190 -2.76 23.37 -3.57
C LEU A 190 -3.93 23.76 -4.45
N PRO A 191 -4.80 22.79 -4.74
CA PRO A 191 -6.09 23.18 -5.34
C PRO A 191 -6.86 24.07 -4.39
N SER A 192 -7.81 24.84 -4.92
CA SER A 192 -8.78 25.50 -4.05
C SER A 192 -9.94 24.53 -3.90
N TYR A 193 -9.93 23.77 -2.80
CA TYR A 193 -10.85 22.64 -2.67
C TYR A 193 -12.32 22.99 -2.69
N SER A 194 -12.68 24.25 -2.31
CA SER A 194 -14.07 24.70 -2.38
C SER A 194 -14.27 25.67 -3.55
N GLY A 195 -13.27 25.77 -4.38
CA GLY A 195 -13.40 26.56 -5.54
C GLY A 195 -13.09 28.02 -5.32
N THR A 198 -13.07 31.08 -2.16
CA THR A 198 -13.16 30.44 -0.85
C THR A 198 -11.79 30.03 -0.39
N LEU A 199 -11.59 29.95 0.91
CA LEU A 199 -10.32 29.56 1.49
C LEU A 199 -10.31 28.10 1.89
N ASN A 200 -9.19 27.47 1.70
CA ASN A 200 -8.98 26.10 2.13
C ASN A 200 -8.97 26.04 3.64
N MET A 201 -9.47 24.96 4.18
CA MET A 201 -9.58 24.79 5.64
C MET A 201 -8.98 23.48 6.14
N ASN A 202 -8.58 23.46 7.41
CA ASN A 202 -8.14 22.25 8.10
C ASN A 202 -6.89 21.62 7.46
N LEU A 203 -6.06 22.45 6.85
CA LEU A 203 -4.91 21.92 6.14
C LEU A 203 -3.80 21.44 7.07
N ALA A 204 -3.09 20.38 6.66
CA ALA A 204 -1.79 20.07 7.27
C ALA A 204 -0.88 21.26 7.06
N PRO A 205 -0.01 21.56 8.05
CA PRO A 205 0.81 22.79 7.97
C PRO A 205 1.91 22.68 6.92
N SER A 206 2.42 23.82 6.48
CA SER A 206 3.57 23.79 5.58
C SER A 206 4.81 23.42 6.38
N VAL A 207 5.80 22.85 5.70
CA VAL A 207 7.01 22.39 6.36
C VAL A 207 8.24 23.02 5.71
N ALA A 208 9.32 23.17 6.49
CA ALA A 208 10.57 23.76 6.05
C ALA A 208 11.65 23.37 7.06
N PRO A 209 12.94 23.33 6.63
CA PRO A 209 14.00 23.10 7.60
C PRO A 209 14.10 24.31 8.53
N VAL A 210 14.46 24.08 9.79
CA VAL A 210 14.58 25.17 10.78
C VAL A 210 16.05 25.53 11.01
N PHE A 211 16.92 24.51 11.01
CA PHE A 211 18.33 24.73 11.33
C PHE A 211 19.16 25.10 10.10
N PRO A 212 20.02 26.13 10.20
CA PRO A 212 20.78 26.55 9.00
C PRO A 212 21.60 25.43 8.37
N GLY A 213 21.64 25.40 7.04
CA GLY A 213 22.43 24.41 6.33
C GLY A 213 21.66 23.15 5.99
N GLU A 214 20.39 23.11 6.38
CA GLU A 214 19.57 21.92 6.08
C GLU A 214 18.60 22.18 4.93
N CYS A 215 18.19 21.10 4.28
CA CYS A 215 17.11 21.19 3.29
C CYS A 215 16.16 20.03 3.48
N LEU A 216 14.97 20.15 2.92
CA LEU A 216 14.04 19.02 2.92
C LEU A 216 14.58 17.86 2.08
N LEU A 217 14.31 16.65 2.53
CA LEU A 217 14.63 15.44 1.76
C LEU A 217 13.34 14.81 1.30
N PHE A 218 13.23 14.56 -0.01
CA PHE A 218 12.00 14.03 -0.59
C PHE A 218 12.17 12.62 -1.12
N PHE A 219 11.06 11.90 -1.15
CA PHE A 219 10.95 10.64 -1.87
C PHE A 219 10.30 10.93 -3.23
N ARG A 220 11.07 10.79 -4.30
CA ARG A 220 10.65 11.26 -5.62
C ARG A 220 10.18 10.12 -6.51
N SER A 221 9.03 10.31 -7.16
CA SER A 221 8.56 9.38 -8.20
C SER A 221 8.36 10.13 -9.50
N PHE A 222 8.75 9.53 -10.61
CA PHE A 222 8.46 10.16 -11.88
C PHE A 222 7.08 9.75 -12.33
N ILE A 223 6.29 10.73 -12.76
CA ILE A 223 4.86 10.50 -12.99
C ILE A 223 4.62 10.44 -14.50
N PRO A 224 3.85 9.45 -14.96
CA PRO A 224 3.58 9.27 -16.39
C PRO A 224 2.83 10.46 -17.03
N LEU A 225 3.04 10.64 -18.33
CA LEU A 225 2.39 11.68 -19.12
C LEU A 225 1.59 11.11 -20.28
N LYS A 226 0.39 11.62 -20.49
CA LYS A 226 -0.43 11.18 -21.62
C LYS A 226 0.20 11.62 -22.94
N GLY A 227 0.84 12.78 -22.95
CA GLY A 227 1.46 13.27 -24.17
C GLY A 227 2.38 14.44 -23.89
N GLY A 228 3.08 14.88 -24.92
CA GLY A 228 3.94 16.05 -24.80
C GLY A 228 5.32 15.77 -24.26
N TYR A 229 6.05 16.85 -24.04
CA TYR A 229 7.43 16.78 -23.60
C TYR A 229 7.54 17.06 -22.11
N GLY A 230 8.45 16.38 -21.45
CA GLY A 230 8.67 16.65 -20.03
C GLY A 230 9.09 15.42 -19.27
N ASN A 231 9.67 15.64 -18.09
CA ASN A 231 10.01 14.56 -17.17
C ASN A 231 9.45 14.88 -15.78
N PRO A 232 8.12 15.04 -15.67
CA PRO A 232 7.55 15.48 -14.39
C PRO A 232 7.70 14.46 -13.27
N ALA A 233 7.79 15.00 -12.06
CA ALA A 233 7.94 14.19 -10.87
C ALA A 233 7.01 14.66 -9.77
N ILE A 234 6.72 13.74 -8.86
CA ILE A 234 5.97 14.04 -7.65
C ILE A 234 6.84 13.68 -6.43
N ASP A 235 7.09 14.67 -5.57
CA ASP A 235 7.92 14.49 -4.37
C ASP A 235 7.04 14.35 -3.12
N CYS A 236 7.22 13.28 -2.35
CA CYS A 236 6.45 13.18 -1.11
C CYS A 236 7.37 13.28 0.12
N LEU A 237 6.79 13.68 1.24
CA LEU A 237 7.57 13.88 2.46
C LEU A 237 7.93 12.53 3.11
N MET A 238 7.01 11.59 3.02
CA MET A 238 7.25 10.22 3.46
C MET A 238 6.51 9.25 2.59
N PRO A 239 7.06 8.06 2.40
CA PRO A 239 6.36 7.09 1.55
C PRO A 239 5.10 6.56 2.23
N GLN A 240 4.22 6.00 1.42
CA GLN A 240 2.96 5.53 1.97
C GLN A 240 3.18 4.45 3.06
N GLU A 241 4.19 3.60 2.89
CA GLU A 241 4.49 2.57 3.89
C GLU A 241 4.91 3.16 5.22
N TRP A 242 5.52 4.34 5.20
CA TRP A 242 5.85 5.01 6.47
C TRP A 242 4.56 5.50 7.14
N VAL A 243 3.64 6.08 6.37
CA VAL A 243 2.33 6.51 6.90
C VAL A 243 1.66 5.31 7.57
N GLN A 244 1.67 4.21 6.84
CA GLN A 244 1.01 3.01 7.32
C GLN A 244 1.68 2.49 8.60
N HIS A 245 3.00 2.49 8.62
CA HIS A 245 3.75 1.96 9.74
C HIS A 245 3.55 2.82 10.98
N LEU A 246 3.67 4.13 10.78
CA LEU A 246 3.55 5.06 11.90
C LEU A 246 2.17 4.96 12.53
N TYR A 247 1.16 4.84 11.66
CA TYR A 247 -0.23 4.68 12.09
C TYR A 247 -0.39 3.41 12.91
N GLN A 248 0.17 2.28 12.45
CA GLN A 248 0.10 1.02 13.21
C GLN A 248 0.78 1.10 14.57
N GLU A 249 1.99 1.65 14.60
CA GLU A 249 2.77 1.62 15.81
C GLU A 249 2.28 2.61 16.87
N SER A 250 1.88 3.79 16.42
CA SER A 250 1.44 4.85 17.34
C SER A 250 2.40 5.03 18.51
N ALA A 251 3.71 5.10 18.23
CA ALA A 251 4.72 5.23 19.28
C ALA A 251 4.80 6.68 19.76
N PRO A 252 4.85 6.90 21.08
CA PRO A 252 4.96 8.27 21.55
C PRO A 252 6.23 8.93 21.03
N SER A 253 6.12 10.18 20.61
CA SER A 253 7.27 10.96 20.20
C SER A 253 7.94 11.58 21.43
N LEU A 254 9.22 11.34 21.65
CA LEU A 254 9.85 11.79 22.89
C LEU A 254 10.55 13.13 22.75
N SER A 255 10.60 13.63 21.53
CA SER A 255 11.11 14.98 21.28
C SER A 255 10.55 15.44 19.96
N ASP A 256 10.90 16.65 19.56
CA ASP A 256 10.38 17.21 18.32
C ASP A 256 11.07 16.64 17.07
N VAL A 257 12.20 15.95 17.26
CA VAL A 257 13.08 15.50 16.17
C VAL A 257 13.71 14.17 16.46
N ALA A 258 13.55 13.22 15.55
CA ALA A 258 14.26 11.95 15.63
C ALA A 258 15.48 11.98 14.71
N LEU A 259 16.61 11.48 15.20
CA LEU A 259 17.76 11.30 14.36
C LEU A 259 17.61 9.93 13.72
N VAL A 260 17.74 9.88 12.39
CA VAL A 260 17.71 8.63 11.67
C VAL A 260 18.96 8.49 10.80
N ARG A 261 19.30 7.25 10.49
CA ARG A 261 20.47 6.93 9.66
C ARG A 261 20.05 6.14 8.44
N TYR A 262 20.58 6.50 7.28
CA TYR A 262 20.38 5.70 6.07
C TYR A 262 21.53 4.73 6.05
N VAL A 263 21.23 3.43 6.17
CA VAL A 263 22.29 2.48 6.39
C VAL A 263 22.38 1.52 5.24
N ASN A 264 23.61 1.11 4.95
CA ASN A 264 23.86 0.05 3.98
C ASN A 264 23.87 -1.28 4.72
N PRO A 265 22.89 -2.16 4.45
CA PRO A 265 22.80 -3.44 5.14
C PRO A 265 24.01 -4.34 4.87
N GLU A 266 24.59 -4.22 3.67
CA GLU A 266 25.74 -5.03 3.30
C GLU A 266 26.95 -4.73 4.19
N THR A 267 27.22 -3.45 4.40
CA THR A 267 28.40 -3.04 5.14
C THR A 267 28.05 -2.67 6.58
N GLY A 268 26.80 -2.29 6.80
CA GLY A 268 26.32 -1.89 8.11
C GLY A 268 26.67 -0.44 8.38
N ARG A 269 27.36 0.17 7.43
CA ARG A 269 27.77 1.59 7.52
C ARG A 269 26.64 2.59 7.24
N THR A 270 26.73 3.73 7.90
CA THR A 270 25.82 4.85 7.68
C THR A 270 26.21 5.60 6.42
N LEU A 271 25.31 5.67 5.45
CA LEU A 271 25.55 6.43 4.23
C LEU A 271 25.37 7.92 4.53
N PHE A 272 24.31 8.24 5.26
CA PHE A 272 24.12 9.62 5.74
C PHE A 272 23.10 9.68 6.89
N GLU A 273 23.04 10.84 7.55
CA GLU A 273 22.10 11.08 8.64
C GLU A 273 21.03 12.07 8.23
N ALA A 274 19.87 11.96 8.86
CA ALA A 274 18.78 12.90 8.60
C ALA A 274 18.00 13.16 9.88
N LYS A 275 17.29 14.28 9.89
CA LYS A 275 16.34 14.59 10.95
C LYS A 275 14.94 14.24 10.51
N LEU A 276 14.26 13.44 11.32
CA LEU A 276 12.86 13.11 11.08
C LEU A 276 12.01 13.88 12.05
N HIS A 277 11.35 14.89 11.53
CA HIS A 277 10.61 15.83 12.37
C HIS A 277 9.27 15.26 12.80
N ARG A 278 8.86 15.64 14.01
CA ARG A 278 7.66 15.07 14.63
C ARG A 278 6.42 15.19 13.75
N ASN A 279 6.34 16.28 13.03
CA ASN A 279 5.19 16.46 12.17
C ASN A 279 5.17 15.52 10.97
N GLY A 280 6.31 14.92 10.64
CA GLY A 280 6.39 13.91 9.59
C GLY A 280 7.07 14.37 8.32
N PHE A 281 8.35 14.71 8.43
CA PHE A 281 9.15 15.06 7.23
C PHE A 281 10.62 15.00 7.58
N LEU A 282 11.45 14.90 6.55
CA LEU A 282 12.88 14.76 6.75
C LEU A 282 13.67 15.98 6.33
N THR A 283 14.73 16.29 7.08
CA THR A 283 15.68 17.28 6.58
C THR A 283 17.07 16.70 6.62
N VAL A 284 17.92 17.21 5.74
CA VAL A 284 19.30 16.75 5.69
C VAL A 284 20.21 17.94 5.53
N ALA A 285 21.49 17.74 5.85
CA ALA A 285 22.48 18.77 5.64
C ALA A 285 23.11 18.56 4.27
N ARG A 286 22.57 19.23 3.26
CA ARG A 286 23.04 19.07 1.88
C ARG A 286 22.86 20.40 1.15
N ASN A 287 23.91 20.87 0.48
CA ASN A 287 23.81 22.15 -0.21
C ASN A 287 23.54 22.01 -1.71
N SER A 288 23.47 20.78 -2.18
N SER A 288 23.52 20.78 -2.20
CA SER A 288 23.34 20.50 -3.62
CA SER A 288 23.32 20.59 -3.63
C SER A 288 21.94 20.01 -3.91
C SER A 288 21.90 20.10 -3.89
N ALA A 289 21.45 20.29 -5.12
CA ALA A 289 20.14 19.82 -5.53
C ALA A 289 20.23 18.58 -6.41
N GLY A 290 19.10 17.91 -6.56
CA GLY A 290 19.01 16.82 -7.51
C GLY A 290 18.85 15.49 -6.83
N PRO A 291 18.84 14.42 -7.62
CA PRO A 291 18.64 13.09 -7.03
C PRO A 291 19.80 12.76 -6.11
N VAL A 292 19.50 12.02 -5.05
CA VAL A 292 20.51 11.53 -4.15
C VAL A 292 21.03 10.20 -4.68
N VAL A 293 22.34 10.11 -4.92
CA VAL A 293 22.91 8.85 -5.40
C VAL A 293 23.34 8.02 -4.19
N ALA A 294 22.59 6.97 -3.89
CA ALA A 294 22.88 6.12 -2.75
C ALA A 294 22.57 4.67 -3.13
N PRO A 295 23.21 3.72 -2.43
CA PRO A 295 23.02 2.30 -2.75
C PRO A 295 21.57 1.88 -2.67
N THR A 296 21.19 0.99 -3.56
CA THR A 296 19.79 0.60 -3.74
C THR A 296 19.30 -0.25 -2.57
N ASN A 297 20.21 -0.86 -1.83
CA ASN A 297 19.81 -1.69 -0.72
C ASN A 297 19.71 -0.93 0.58
N GLY A 298 19.92 0.39 0.55
CA GLY A 298 19.87 1.18 1.77
C GLY A 298 18.48 1.45 2.33
N TYR A 299 18.43 1.72 3.63
CA TYR A 299 17.20 2.15 4.26
C TYR A 299 17.43 2.95 5.53
N PHE A 300 16.39 3.69 5.95
CA PHE A 300 16.44 4.52 7.16
C PHE A 300 16.15 3.73 8.41
N ARG A 301 16.99 3.95 9.40
CA ARG A 301 16.88 3.35 10.72
C ARG A 301 16.79 4.44 11.78
N PHE A 302 15.91 4.28 12.76
CA PHE A 302 15.83 5.21 13.89
C PHE A 302 17.07 5.08 14.78
N ASP A 303 17.70 6.22 15.11
CA ASP A 303 18.88 6.24 15.96
C ASP A 303 18.53 6.73 17.37
N SER A 304 17.99 7.93 17.48
CA SER A 304 17.61 8.48 18.78
C SER A 304 16.81 9.76 18.67
N TRP A 305 16.25 10.19 19.80
CA TRP A 305 15.56 11.46 19.86
C TRP A 305 16.53 12.61 20.12
N VAL A 306 16.48 13.64 19.28
CA VAL A 306 17.38 14.77 19.43
C VAL A 306 16.55 16.07 19.50
N ASN A 307 17.11 17.20 19.10
CA ASN A 307 16.32 18.43 19.11
C ASN A 307 16.61 19.27 17.89
N GLN A 308 15.97 20.45 17.80
CA GLN A 308 16.08 21.25 16.58
C GLN A 308 17.49 21.81 16.37
N PHE A 309 18.28 21.83 17.43
CA PHE A 309 19.61 22.42 17.39
C PHE A 309 20.72 21.39 17.11
N TYR A 310 20.32 20.13 16.96
CA TYR A 310 21.26 19.04 16.68
C TYR A 310 21.86 19.20 15.29
N THR A 311 23.18 19.10 15.18
CA THR A 311 23.89 19.32 13.92
C THR A 311 24.17 18.02 13.13
N LEU A 312 23.62 17.91 11.92
CA LEU A 312 23.85 16.76 11.04
C LEU A 312 25.17 16.82 10.30
N ALA A 313 25.79 15.66 10.11
CA ALA A 313 26.90 15.55 9.21
C ALA A 313 26.43 15.79 7.77
N PRO A 314 27.21 16.56 7.01
CA PRO A 314 26.91 16.88 5.61
C PRO A 314 26.81 15.65 4.74
N MET A 315 25.98 15.70 3.71
CA MET A 315 25.90 14.57 2.78
C MET A 315 26.12 15.00 1.34
N SER B 1 11.55 -15.49 18.84
CA SER B 1 10.85 -15.16 20.08
C SER B 1 9.88 -14.00 19.84
N LYS B 2 10.10 -13.28 18.75
CA LYS B 2 9.23 -12.16 18.37
C LYS B 2 7.78 -12.62 18.23
N PRO B 3 6.87 -11.98 18.96
CA PRO B 3 5.47 -12.44 18.96
C PRO B 3 4.72 -12.16 17.67
N PHE B 4 3.86 -13.10 17.29
CA PHE B 4 3.03 -12.93 16.12
C PHE B 4 1.92 -11.90 16.33
N THR B 5 1.72 -11.03 15.34
CA THR B 5 0.63 -10.05 15.34
C THR B 5 0.08 -9.82 13.95
N LEU B 6 -1.14 -9.31 13.90
CA LEU B 6 -1.77 -8.82 12.68
C LEU B 6 -1.82 -7.29 12.77
N PRO B 7 -1.80 -6.60 11.61
CA PRO B 7 -1.98 -5.14 11.67
C PRO B 7 -3.42 -4.84 12.14
N ILE B 8 -3.63 -3.73 12.80
CA ILE B 8 -4.98 -3.40 13.24
C ILE B 8 -5.61 -2.51 12.18
N LEU B 9 -6.39 -3.13 11.30
CA LEU B 9 -6.96 -2.45 10.13
C LEU B 9 -8.35 -2.97 9.87
N THR B 10 -9.31 -2.08 9.75
CA THR B 10 -10.66 -2.52 9.43
C THR B 10 -10.74 -2.89 7.97
N LEU B 11 -11.87 -3.49 7.58
CA LEU B 11 -12.01 -3.92 6.20
C LEU B 11 -11.84 -2.78 5.21
N GLY B 12 -12.31 -1.57 5.57
CA GLY B 12 -12.21 -0.39 4.72
C GLY B 12 -10.82 0.26 4.72
N GLU B 13 -9.89 -0.37 5.42
CA GLU B 13 -8.48 0.08 5.41
C GLU B 13 -7.58 -0.98 4.78
N LEU B 14 -8.19 -1.92 4.04
CA LEU B 14 -7.42 -3.02 3.41
C LEU B 14 -7.48 -2.98 1.88
N THR B 15 -6.41 -3.44 1.22
CA THR B 15 -6.43 -3.55 -0.23
C THR B 15 -6.09 -4.96 -0.68
N ASN B 16 -6.52 -5.26 -1.90
CA ASN B 16 -6.37 -6.60 -2.47
C ASN B 16 -4.92 -6.83 -2.84
N SER B 17 -4.45 -8.06 -2.60
CA SER B 17 -3.08 -8.41 -2.92
C SER B 17 -2.94 -9.01 -4.31
N ARG B 18 -4.05 -9.19 -5.02
CA ARG B 18 -4.01 -9.78 -6.36
C ARG B 18 -4.35 -8.83 -7.48
N PHE B 19 -4.87 -7.64 -7.14
CA PHE B 19 -5.15 -6.59 -8.11
C PHE B 19 -5.25 -5.29 -7.34
N PRO B 20 -4.86 -4.14 -7.94
CA PRO B 20 -4.90 -2.90 -7.14
C PRO B 20 -6.30 -2.34 -6.90
N LEU B 21 -6.96 -2.88 -5.88
CA LEU B 21 -8.35 -2.56 -5.55
C LEU B 21 -8.49 -2.55 -4.05
N PRO B 22 -9.41 -1.73 -3.52
CA PRO B 22 -9.71 -1.85 -2.09
C PRO B 22 -10.47 -3.14 -1.82
N ILE B 23 -10.38 -3.68 -0.61
CA ILE B 23 -11.25 -4.79 -0.24
C ILE B 23 -12.67 -4.28 -0.03
N ASP B 24 -13.62 -4.97 -0.64
CA ASP B 24 -15.02 -4.57 -0.56
C ASP B 24 -15.81 -5.36 0.47
N VAL B 25 -15.68 -6.69 0.43
CA VAL B 25 -16.45 -7.57 1.32
C VAL B 25 -15.61 -8.81 1.64
N LEU B 26 -15.93 -9.47 2.76
CA LEU B 26 -15.44 -10.83 2.97
C LEU B 26 -16.38 -11.78 2.25
N TYR B 27 -15.87 -12.94 1.83
CA TYR B 27 -16.63 -13.79 0.93
C TYR B 27 -16.29 -15.26 1.14
N THR B 28 -17.28 -16.11 1.00
CA THR B 28 -17.03 -17.55 0.94
C THR B 28 -17.74 -18.17 -0.27
N ASN B 29 -17.22 -19.29 -0.73
CA ASN B 29 -17.89 -20.08 -1.77
C ASN B 29 -17.55 -21.55 -1.59
N PRO B 30 -18.22 -22.23 -0.67
CA PRO B 30 -17.87 -23.62 -0.32
C PRO B 30 -17.98 -24.58 -1.50
N ASN B 31 -18.84 -24.26 -2.47
CA ASN B 31 -19.09 -25.13 -3.62
C ASN B 31 -18.12 -24.97 -4.79
N GLU B 32 -17.11 -24.14 -4.61
CA GLU B 32 -16.12 -23.90 -5.66
C GLU B 32 -15.34 -25.18 -5.97
N SER B 33 -15.33 -25.54 -7.25
CA SER B 33 -14.66 -26.76 -7.69
C SER B 33 -13.23 -26.53 -8.19
N ALA B 34 -12.85 -25.27 -8.36
CA ALA B 34 -11.51 -24.98 -8.82
C ALA B 34 -10.52 -25.22 -7.69
N ILE B 35 -9.30 -25.53 -8.06
CA ILE B 35 -8.19 -25.58 -7.11
C ILE B 35 -7.70 -24.13 -6.88
N VAL B 36 -7.67 -23.71 -5.62
CA VAL B 36 -7.25 -22.34 -5.27
C VAL B 36 -5.72 -22.31 -5.06
N GLN B 37 -5.00 -21.68 -6.00
CA GLN B 37 -3.55 -21.71 -6.00
C GLN B 37 -3.00 -20.39 -6.55
N CYS B 38 -3.58 -19.30 -6.08
CA CYS B 38 -3.11 -17.98 -6.54
C CYS B 38 -1.66 -17.74 -6.10
N GLN B 39 -0.95 -16.86 -6.81
CA GLN B 39 0.49 -16.69 -6.62
C GLN B 39 0.84 -15.32 -6.07
N ASN B 40 -0.08 -14.39 -6.21
CA ASN B 40 0.09 -13.09 -5.53
C ASN B 40 -0.68 -13.13 -4.23
N GLY B 41 -0.26 -12.30 -3.29
CA GLY B 41 -0.89 -12.33 -1.98
C GLY B 41 -0.58 -13.61 -1.23
N ARG B 42 0.61 -14.16 -1.43
CA ARG B 42 1.00 -15.38 -0.72
C ARG B 42 2.15 -15.09 0.20
N CYS B 43 1.94 -15.28 1.49
CA CYS B 43 2.98 -14.98 2.48
C CYS B 43 2.71 -15.87 3.69
N THR B 44 3.72 -16.57 4.17
CA THR B 44 3.54 -17.37 5.38
C THR B 44 3.40 -16.48 6.60
N LEU B 45 2.89 -17.02 7.69
CA LEU B 45 2.72 -16.20 8.89
C LEU B 45 4.05 -15.76 9.47
N ASP B 46 5.15 -16.46 9.15
CA ASP B 46 6.46 -15.99 9.65
C ASP B 46 7.19 -15.13 8.64
N GLY B 47 6.44 -14.69 7.61
CA GLY B 47 6.91 -13.62 6.75
C GLY B 47 7.70 -14.04 5.51
N GLU B 48 7.52 -15.28 5.07
CA GLU B 48 8.16 -15.71 3.85
C GLU B 48 7.23 -15.46 2.66
N LEU B 49 7.62 -14.56 1.76
CA LEU B 49 6.84 -14.37 0.55
C LEU B 49 6.91 -15.63 -0.35
N GLN B 50 5.82 -15.94 -1.02
CA GLN B 50 5.76 -17.09 -1.91
C GLN B 50 5.21 -16.70 -3.29
N GLY B 51 5.32 -17.61 -4.24
CA GLY B 51 4.80 -17.39 -5.58
C GLY B 51 5.46 -16.18 -6.23
N THR B 52 4.63 -15.27 -6.76
CA THR B 52 5.12 -14.04 -7.39
C THR B 52 4.89 -12.84 -6.48
N THR B 53 4.67 -13.09 -5.20
CA THR B 53 4.30 -12.00 -4.28
C THR B 53 5.44 -11.05 -3.97
N GLN B 54 5.14 -9.76 -4.05
CA GLN B 54 6.09 -8.72 -3.68
C GLN B 54 5.34 -7.66 -2.88
N LEU B 55 6.08 -6.64 -2.44
CA LEU B 55 5.54 -5.76 -1.40
C LEU B 55 4.82 -4.55 -1.94
N LEU B 56 5.17 -4.11 -3.14
CA LEU B 56 4.61 -2.83 -3.62
C LEU B 56 3.16 -2.98 -4.06
N PRO B 57 2.27 -2.13 -3.55
CA PRO B 57 0.90 -2.11 -4.09
C PRO B 57 0.88 -1.74 -5.58
N THR B 58 1.82 -0.88 -6.02
CA THR B 58 1.93 -0.47 -7.42
C THR B 58 2.49 -1.57 -8.33
N GLY B 59 3.01 -2.64 -7.74
CA GLY B 59 3.65 -3.68 -8.52
C GLY B 59 2.73 -4.81 -8.88
N ILE B 60 1.56 -4.84 -8.26
CA ILE B 60 0.62 -5.95 -8.50
C ILE B 60 -0.02 -5.84 -9.88
N CYS B 61 0.19 -6.86 -10.72
CA CYS B 61 -0.28 -6.85 -12.11
C CYS B 61 0.30 -5.69 -12.92
N ALA B 62 1.46 -5.19 -12.50
CA ALA B 62 2.15 -4.17 -13.25
C ALA B 62 3.29 -4.78 -14.04
N PHE B 63 3.68 -4.11 -15.12
CA PHE B 63 4.87 -4.48 -15.86
C PHE B 63 5.72 -3.25 -16.15
N ARG B 64 7.02 -3.48 -16.14
CA ARG B 64 8.03 -2.50 -16.47
C ARG B 64 8.93 -3.10 -17.52
N GLY B 65 9.34 -2.31 -18.51
CA GLY B 65 10.24 -2.82 -19.53
C GLY B 65 10.40 -1.91 -20.73
N LYS B 66 10.64 -2.53 -21.87
CA LYS B 66 10.81 -1.78 -23.09
C LYS B 66 10.12 -2.49 -24.25
N VAL B 67 9.45 -1.72 -25.09
CA VAL B 67 8.88 -2.26 -26.31
C VAL B 67 10.00 -2.58 -27.31
N THR B 68 10.00 -3.77 -27.87
CA THR B 68 10.99 -4.15 -28.87
C THR B 68 10.53 -3.95 -30.31
N GLN B 69 9.30 -4.28 -30.58
CA GLN B 69 8.80 -4.22 -31.92
C GLN B 69 7.31 -4.27 -31.97
N GLN B 70 6.70 -3.65 -32.99
CA GLN B 70 5.32 -3.91 -33.31
C GLN B 70 5.23 -5.28 -33.92
N VAL B 71 4.18 -6.03 -33.64
CA VAL B 71 4.06 -7.36 -34.13
C VAL B 71 2.79 -7.52 -34.92
N HIS B 75 -5.03 -9.10 -38.51
CA HIS B 75 -6.23 -9.79 -38.10
C HIS B 75 -6.47 -9.66 -36.58
N ARG B 76 -5.49 -9.16 -35.86
CA ARG B 76 -5.68 -8.96 -34.42
C ARG B 76 -5.41 -7.53 -33.99
N THR B 78 -3.83 -3.68 -32.74
CA THR B 78 -2.37 -3.61 -32.89
C THR B 78 -1.64 -4.24 -31.70
N HIS B 79 -0.61 -5.02 -31.97
CA HIS B 79 0.12 -5.74 -30.93
C HIS B 79 1.59 -5.35 -30.87
N TRP B 80 2.13 -5.38 -29.66
CA TRP B 80 3.47 -4.91 -29.38
C TRP B 80 4.17 -5.91 -28.50
N ASN B 81 5.46 -6.09 -28.77
CA ASN B 81 6.27 -6.97 -27.98
C ASN B 81 7.06 -6.18 -26.96
N MET B 82 7.02 -6.62 -25.71
CA MET B 82 7.63 -5.87 -24.63
C MET B 82 8.54 -6.77 -23.79
N THR B 83 9.81 -6.43 -23.67
CA THR B 83 10.66 -7.12 -22.69
C THR B 83 10.22 -6.66 -21.32
N VAL B 84 10.14 -7.58 -20.38
CA VAL B 84 9.79 -7.15 -19.03
C VAL B 84 10.99 -7.32 -18.10
N THR B 85 11.18 -6.33 -17.25
CA THR B 85 12.27 -6.39 -16.28
C THR B 85 11.66 -6.69 -14.92
N ASN B 86 12.52 -6.80 -13.92
CA ASN B 86 12.03 -6.77 -12.54
C ASN B 86 11.40 -5.41 -12.27
N LEU B 87 10.56 -5.33 -11.25
CA LEU B 87 9.89 -4.08 -10.94
C LEU B 87 10.88 -2.99 -10.54
N ASN B 88 12.06 -3.38 -10.07
CA ASN B 88 13.05 -2.40 -9.68
C ASN B 88 13.91 -1.96 -10.87
N GLY B 89 13.57 -2.45 -12.04
CA GLY B 89 14.26 -2.06 -13.26
C GLY B 89 15.43 -2.94 -13.67
N THR B 90 15.89 -3.81 -12.79
CA THR B 90 16.98 -4.74 -13.13
C THR B 90 16.49 -5.85 -14.07
N PRO B 91 17.38 -6.41 -14.90
CA PRO B 91 16.93 -7.47 -15.81
C PRO B 91 16.43 -8.69 -15.05
N PHE B 92 15.36 -9.30 -15.55
CA PHE B 92 14.84 -10.49 -14.91
C PHE B 92 15.70 -11.67 -15.30
N ASP B 93 16.17 -12.41 -14.29
CA ASP B 93 16.97 -13.60 -14.49
C ASP B 93 16.06 -14.82 -14.42
N PRO B 94 15.77 -15.44 -15.58
CA PRO B 94 14.82 -16.55 -15.65
C PRO B 94 15.23 -17.76 -14.79
N THR B 95 16.48 -17.83 -14.36
CA THR B 95 16.93 -18.96 -13.55
C THR B 95 16.61 -18.75 -12.07
N GLU B 96 16.06 -17.57 -11.74
CA GLU B 96 15.60 -17.28 -10.39
C GLU B 96 14.49 -18.24 -10.01
N ASP B 97 14.47 -18.70 -8.76
CA ASP B 97 13.49 -19.70 -8.34
C ASP B 97 12.14 -19.06 -8.00
N VAL B 98 11.57 -18.37 -8.98
CA VAL B 98 10.22 -17.82 -8.88
C VAL B 98 9.44 -18.24 -10.13
N PRO B 99 8.10 -18.17 -10.07
CA PRO B 99 7.33 -18.61 -11.25
C PRO B 99 7.47 -17.64 -12.44
N ALA B 100 7.76 -16.38 -12.11
CA ALA B 100 7.72 -15.25 -13.06
C ALA B 100 8.23 -14.03 -12.32
N PRO B 101 8.48 -12.91 -13.03
CA PRO B 101 8.88 -11.72 -12.25
C PRO B 101 7.87 -11.40 -11.16
N LEU B 102 8.33 -10.96 -9.99
CA LEU B 102 7.36 -10.70 -8.93
C LEU B 102 6.35 -9.61 -9.38
N GLY B 103 5.10 -9.79 -9.01
CA GLY B 103 4.02 -8.88 -9.42
C GLY B 103 3.25 -9.36 -10.66
N THR B 104 3.83 -10.29 -11.43
CA THR B 104 3.13 -10.83 -12.60
C THR B 104 1.70 -11.27 -12.24
N PRO B 105 0.71 -10.97 -13.09
CA PRO B 105 -0.67 -11.42 -12.84
C PRO B 105 -0.76 -12.92 -12.60
N ASP B 106 -1.65 -13.34 -11.71
CA ASP B 106 -1.72 -14.78 -11.40
C ASP B 106 -3.05 -15.41 -11.84
N PHE B 107 -3.70 -14.81 -12.82
CA PHE B 107 -4.95 -15.36 -13.31
C PHE B 107 -5.09 -15.14 -14.80
N SER B 108 -5.96 -15.94 -15.38
CA SER B 108 -6.29 -15.86 -16.79
C SER B 108 -7.30 -14.75 -17.06
N GLY B 109 -7.01 -13.89 -18.02
CA GLY B 109 -7.99 -12.88 -18.38
C GLY B 109 -7.39 -11.85 -19.29
N GLN B 110 -8.24 -10.91 -19.73
CA GLN B 110 -7.80 -9.77 -20.52
C GLN B 110 -7.62 -8.62 -19.55
N ILE B 111 -6.38 -8.35 -19.16
CA ILE B 111 -6.16 -7.25 -18.20
C ILE B 111 -6.06 -5.92 -18.93
N TYR B 112 -6.90 -4.98 -18.49
CA TYR B 112 -7.05 -3.70 -19.13
C TYR B 112 -6.32 -2.65 -18.29
N GLY B 113 -5.56 -1.79 -18.96
CA GLY B 113 -4.83 -0.76 -18.26
C GLY B 113 -4.27 0.26 -19.23
N VAL B 114 -3.24 0.98 -18.78
CA VAL B 114 -2.63 2.00 -19.64
C VAL B 114 -1.15 1.74 -19.80
N ILE B 115 -0.68 1.74 -21.05
CA ILE B 115 0.74 1.72 -21.35
C ILE B 115 1.23 3.13 -21.51
N SER B 116 2.29 3.47 -20.77
CA SER B 116 2.86 4.81 -20.91
C SER B 116 4.36 4.68 -21.18
N GLN B 117 4.90 5.66 -21.88
CA GLN B 117 6.32 5.72 -22.22
C GLN B 117 6.87 7.09 -22.02
N ARG B 118 8.12 7.15 -21.57
CA ARG B 118 8.92 8.38 -21.54
C ARG B 118 10.25 8.08 -22.21
N ASN B 119 10.56 8.79 -23.28
CA ASN B 119 11.78 8.47 -24.04
C ASN B 119 13.04 8.74 -23.25
N THR B 120 14.06 7.94 -23.51
CA THR B 120 15.38 8.13 -22.90
C THR B 120 16.30 8.87 -23.86
N LEU B 129 13.97 17.84 -23.62
CA LEU B 129 12.98 17.19 -22.77
C LEU B 129 12.35 16.00 -23.51
N PRO B 130 12.16 14.87 -22.81
CA PRO B 130 11.73 13.68 -23.55
C PRO B 130 10.27 13.70 -23.99
N ALA B 131 10.00 13.04 -25.10
CA ALA B 131 8.64 12.85 -25.59
C ALA B 131 7.95 11.80 -24.74
N ASN B 132 6.61 11.88 -24.68
CA ASN B 132 5.79 11.00 -23.86
C ASN B 132 4.58 10.55 -24.62
N ARG B 133 4.08 9.38 -24.29
CA ARG B 133 2.79 8.94 -24.81
C ARG B 133 2.20 7.91 -23.84
N ALA B 134 0.87 7.86 -23.81
CA ALA B 134 0.14 6.83 -23.06
C ALA B 134 -1.11 6.45 -23.83
N HIS B 135 -1.44 5.15 -23.82
CA HIS B 135 -2.65 4.64 -24.47
C HIS B 135 -3.24 3.49 -23.69
N GLU B 136 -4.56 3.32 -23.82
CA GLU B 136 -5.20 2.14 -23.22
C GLU B 136 -4.62 0.92 -23.90
N ALA B 137 -4.49 -0.13 -23.10
CA ALA B 137 -3.89 -1.37 -23.59
C ALA B 137 -4.48 -2.57 -22.90
N VAL B 138 -4.36 -3.72 -23.56
CA VAL B 138 -4.85 -4.97 -22.99
C VAL B 138 -3.75 -6.02 -23.03
N ILE B 139 -3.58 -6.73 -21.92
CA ILE B 139 -2.65 -7.85 -21.86
C ILE B 139 -3.46 -9.12 -21.61
N ALA B 140 -3.40 -10.04 -22.56
CA ALA B 140 -4.09 -11.33 -22.44
C ALA B 140 -3.16 -12.35 -21.78
N THR B 141 -3.40 -12.64 -20.51
CA THR B 141 -2.48 -13.49 -19.75
C THR B 141 -2.60 -14.96 -20.13
N TYR B 142 -3.65 -15.30 -20.87
CA TYR B 142 -3.87 -16.68 -21.34
C TYR B 142 -3.22 -16.92 -22.70
N SER B 143 -2.68 -15.86 -23.30
CA SER B 143 -2.11 -15.93 -24.65
C SER B 143 -0.78 -16.70 -24.68
N PRO B 144 -0.52 -17.45 -25.76
CA PRO B 144 0.80 -18.12 -25.84
C PRO B 144 1.94 -17.11 -25.93
N LYS B 145 1.62 -15.85 -26.22
CA LYS B 145 2.65 -14.81 -26.29
C LYS B 145 2.92 -14.21 -24.91
N PHE B 146 2.14 -14.63 -23.91
CA PHE B 146 2.36 -14.18 -22.53
C PHE B 146 3.45 -15.06 -21.90
N THR B 147 4.70 -14.61 -21.95
CA THR B 147 5.82 -15.42 -21.44
C THR B 147 6.69 -14.60 -20.46
N PRO B 148 6.09 -14.11 -19.37
CA PRO B 148 6.85 -13.24 -18.45
C PRO B 148 8.06 -13.99 -17.84
N LYS B 149 7.95 -15.30 -17.67
CA LYS B 149 9.09 -16.06 -17.11
C LYS B 149 10.26 -16.06 -18.11
N LEU B 150 9.97 -15.83 -19.40
CA LEU B 150 11.02 -15.70 -20.41
C LEU B 150 11.43 -14.25 -20.66
N GLY B 151 10.79 -13.34 -19.93
CA GLY B 151 11.14 -11.93 -19.99
C GLY B 151 10.47 -11.15 -21.11
N ASN B 152 9.39 -11.70 -21.64
CA ASN B 152 8.73 -11.11 -22.79
C ASN B 152 7.23 -11.30 -22.71
N ILE B 153 6.48 -10.23 -22.96
CA ILE B 153 5.03 -10.34 -23.07
C ILE B 153 4.58 -9.51 -24.26
N GLN B 154 3.31 -9.64 -24.63
CA GLN B 154 2.74 -8.79 -25.66
C GLN B 154 1.52 -8.04 -25.11
N PHE B 155 1.34 -6.83 -25.60
CA PHE B 155 0.11 -6.10 -25.30
C PHE B 155 -0.49 -5.57 -26.59
N SER B 156 -1.77 -5.30 -26.53
CA SER B 156 -2.46 -4.75 -27.68
C SER B 156 -3.02 -3.37 -27.35
N THR B 157 -3.11 -2.52 -28.36
CA THR B 157 -3.63 -1.19 -28.16
C THR B 157 -4.72 -0.95 -29.18
N TRP B 158 -5.64 -0.05 -28.86
CA TRP B 158 -6.53 0.49 -29.87
C TRP B 158 -5.69 1.38 -30.79
N GLU B 159 -4.74 2.10 -30.19
CA GLU B 159 -3.78 2.94 -30.93
C GLU B 159 -2.94 2.11 -31.91
N THR B 160 -2.68 2.63 -33.11
CA THR B 160 -2.04 1.80 -34.12
C THR B 160 -0.55 2.07 -34.35
N GLN B 161 -0.08 3.27 -33.98
CA GLN B 161 1.28 3.66 -34.37
C GLN B 161 2.04 4.27 -33.21
N ASP B 162 1.34 4.93 -32.31
CA ASP B 162 2.00 5.81 -31.36
C ASP B 162 2.52 5.03 -30.15
N VAL B 163 3.30 3.99 -30.41
CA VAL B 163 4.06 3.31 -29.38
C VAL B 163 5.47 3.17 -29.92
N SER B 164 6.46 3.60 -29.13
CA SER B 164 7.83 3.68 -29.63
C SER B 164 8.66 2.47 -29.20
N SER B 165 9.46 1.93 -30.12
CA SER B 165 10.35 0.83 -29.78
C SER B 165 11.59 1.34 -29.07
N GLY B 166 12.11 0.55 -28.14
CA GLY B 166 13.37 0.86 -27.48
C GLY B 166 13.27 1.89 -26.40
N GLN B 167 12.04 2.22 -26.01
CA GLN B 167 11.80 3.23 -24.99
C GLN B 167 11.19 2.64 -23.74
N PRO B 168 11.59 3.17 -22.57
CA PRO B 168 11.06 2.70 -21.29
C PRO B 168 9.55 2.73 -21.28
N THR B 169 8.96 1.64 -20.82
CA THR B 169 7.53 1.41 -20.94
C THR B 169 6.95 0.93 -19.62
N LYS B 170 5.80 1.46 -19.25
CA LYS B 170 5.11 1.08 -18.04
C LYS B 170 3.69 0.61 -18.32
N PHE B 171 3.26 -0.49 -17.71
CA PHE B 171 1.85 -0.86 -17.75
C PHE B 171 1.20 -0.59 -16.39
N THR B 172 0.21 0.30 -16.37
CA THR B 172 -0.60 0.52 -15.17
C THR B 172 -1.93 -0.24 -15.27
N PRO B 173 -2.14 -1.26 -14.41
CA PRO B 173 -3.40 -2.02 -14.50
C PRO B 173 -4.57 -1.22 -14.01
N VAL B 174 -5.73 -1.41 -14.64
CA VAL B 174 -6.95 -0.71 -14.23
C VAL B 174 -8.08 -1.69 -13.97
N GLY B 175 -8.21 -2.72 -14.82
CA GLY B 175 -9.27 -3.67 -14.58
C GLY B 175 -9.23 -4.77 -15.63
N LEU B 176 -10.39 -5.21 -16.06
CA LEU B 176 -10.52 -6.24 -17.12
C LEU B 176 -11.10 -5.63 -18.37
N ALA B 177 -10.69 -6.14 -19.53
CA ALA B 177 -11.26 -5.62 -20.77
C ALA B 177 -12.69 -6.11 -20.98
N SER B 178 -12.93 -7.35 -20.57
CA SER B 178 -14.19 -8.04 -20.84
C SER B 178 -14.27 -9.23 -19.89
N VAL B 179 -15.48 -9.70 -19.58
CA VAL B 179 -15.61 -11.03 -18.98
C VAL B 179 -16.57 -11.90 -19.80
N ASP B 180 -16.73 -11.60 -21.08
CA ASP B 180 -17.60 -12.48 -21.86
C ASP B 180 -16.90 -13.83 -22.06
N ALA B 181 -17.62 -14.78 -22.66
CA ALA B 181 -17.12 -16.15 -22.69
C ALA B 181 -15.76 -16.27 -23.40
N ASN B 182 -15.58 -15.50 -24.46
CA ASN B 182 -14.34 -15.64 -25.20
C ASN B 182 -13.20 -14.83 -24.63
N SER B 183 -13.41 -14.18 -23.48
CA SER B 183 -12.38 -13.36 -22.86
C SER B 183 -11.54 -14.16 -21.85
N HIS B 184 -11.94 -15.40 -21.61
CA HIS B 184 -11.20 -16.34 -20.77
C HIS B 184 -10.89 -15.83 -19.37
N PHE B 185 -11.81 -15.13 -18.73
CA PHE B 185 -11.57 -14.69 -17.36
C PHE B 185 -11.84 -15.84 -16.39
N ASP B 186 -10.81 -16.25 -15.65
CA ASP B 186 -10.99 -17.25 -14.60
C ASP B 186 -9.94 -16.99 -13.57
N GLN B 187 -10.34 -16.46 -12.41
CA GLN B 187 -9.38 -16.03 -11.43
C GLN B 187 -8.58 -17.15 -10.78
N TRP B 188 -8.99 -18.39 -10.96
CA TRP B 188 -8.27 -19.53 -10.36
C TRP B 188 -7.45 -20.29 -11.39
N THR B 189 -7.46 -19.83 -12.63
CA THR B 189 -6.61 -20.45 -13.65
C THR B 189 -5.31 -19.67 -13.79
N LEU B 190 -4.20 -20.34 -13.51
CA LEU B 190 -2.91 -19.68 -13.60
C LEU B 190 -2.53 -19.47 -15.05
N PRO B 191 -1.84 -18.36 -15.33
CA PRO B 191 -1.19 -18.26 -16.65
C PRO B 191 -0.11 -19.34 -16.79
N SER B 192 0.26 -19.66 -18.02
CA SER B 192 1.47 -20.49 -18.26
C SER B 192 2.63 -19.54 -18.43
N TYR B 193 3.39 -19.35 -17.36
CA TYR B 193 4.34 -18.24 -17.33
C TYR B 193 5.45 -18.29 -18.37
N SER B 194 5.75 -19.49 -18.89
CA SER B 194 6.79 -19.64 -19.92
C SER B 194 6.19 -19.87 -21.30
N GLY B 195 4.88 -19.71 -21.38
CA GLY B 195 4.17 -19.84 -22.64
C GLY B 195 3.52 -21.20 -22.77
N ALA B 196 2.95 -21.44 -23.94
CA ALA B 196 2.01 -22.53 -24.13
C ALA B 196 2.60 -23.90 -23.82
N LEU B 197 1.84 -24.67 -23.04
CA LEU B 197 2.20 -26.03 -22.69
C LEU B 197 3.52 -26.23 -21.95
N THR B 198 3.92 -25.24 -21.17
CA THR B 198 5.16 -25.36 -20.41
C THR B 198 4.74 -25.50 -18.96
N LEU B 199 5.56 -26.16 -18.15
CA LEU B 199 5.16 -26.32 -16.76
C LEU B 199 5.63 -25.14 -15.97
N ASN B 200 4.70 -24.60 -15.19
CA ASN B 200 4.99 -23.56 -14.22
C ASN B 200 5.89 -24.13 -13.14
N MET B 201 6.79 -23.30 -12.63
CA MET B 201 7.76 -23.74 -11.64
C MET B 201 7.67 -22.87 -10.39
N ASN B 202 8.13 -23.43 -9.25
CA ASN B 202 8.28 -22.64 -8.03
C ASN B 202 6.98 -22.06 -7.48
N LEU B 203 5.88 -22.73 -7.73
CA LEU B 203 4.59 -22.18 -7.31
C LEU B 203 4.34 -22.29 -5.82
N ALA B 204 3.69 -21.28 -5.26
CA ALA B 204 3.05 -21.42 -3.95
C ALA B 204 2.00 -22.53 -4.04
N PRO B 205 1.85 -23.32 -2.98
CA PRO B 205 1.01 -24.53 -3.02
C PRO B 205 -0.47 -24.17 -3.02
N SER B 206 -1.33 -25.08 -3.44
CA SER B 206 -2.77 -24.84 -3.34
C SER B 206 -3.26 -24.92 -1.89
N VAL B 207 -4.38 -24.26 -1.61
CA VAL B 207 -4.91 -24.24 -0.25
C VAL B 207 -6.33 -24.79 -0.21
N ALA B 208 -6.70 -25.35 0.93
CA ALA B 208 -8.01 -25.93 1.12
C ALA B 208 -8.34 -26.03 2.61
N PRO B 209 -9.62 -26.00 2.96
CA PRO B 209 -9.99 -26.28 4.36
C PRO B 209 -9.68 -27.75 4.66
N VAL B 210 -9.20 -28.04 5.86
CA VAL B 210 -8.86 -29.41 6.26
C VAL B 210 -9.87 -29.98 7.25
N PHE B 211 -10.34 -29.13 8.15
CA PHE B 211 -11.24 -29.60 9.20
C PHE B 211 -12.68 -29.61 8.72
N PRO B 212 -13.40 -30.71 8.92
CA PRO B 212 -14.80 -30.73 8.43
C PRO B 212 -15.66 -29.57 8.94
N GLY B 213 -16.49 -29.08 8.03
CA GLY B 213 -17.40 -27.99 8.31
C GLY B 213 -16.80 -26.64 7.97
N GLU B 214 -15.55 -26.63 7.51
CA GLU B 214 -14.92 -25.32 7.19
C GLU B 214 -14.83 -25.02 5.71
N CYS B 215 -14.73 -23.73 5.38
CA CYS B 215 -14.47 -23.31 4.00
C CYS B 215 -13.46 -22.18 4.00
N LEU B 216 -12.86 -21.91 2.84
CA LEU B 216 -11.95 -20.75 2.73
C LEU B 216 -12.72 -19.45 2.91
N LEU B 217 -12.07 -18.48 3.56
CA LEU B 217 -12.61 -17.13 3.65
C LEU B 217 -11.76 -16.21 2.81
N PHE B 218 -12.40 -15.46 1.92
CA PHE B 218 -11.66 -14.58 1.00
C PHE B 218 -11.89 -13.12 1.29
N PHE B 219 -10.91 -12.30 0.92
CA PHE B 219 -11.07 -10.86 0.86
C PHE B 219 -11.40 -10.50 -0.59
N ARG B 220 -12.63 -10.05 -0.82
CA ARG B 220 -13.13 -9.85 -2.21
C ARG B 220 -13.14 -8.39 -2.62
N SER B 221 -12.66 -8.14 -3.84
CA SER B 221 -12.74 -6.83 -4.49
C SER B 221 -13.47 -6.94 -5.81
N PHE B 222 -14.32 -5.97 -6.12
CA PHE B 222 -14.92 -5.95 -7.45
C PHE B 222 -14.00 -5.19 -8.41
N ILE B 223 -13.78 -5.76 -9.59
CA ILE B 223 -12.76 -5.24 -10.50
C ILE B 223 -13.42 -4.53 -11.67
N PRO B 224 -12.92 -3.34 -12.05
CA PRO B 224 -13.59 -2.59 -13.12
C PRO B 224 -13.57 -3.30 -14.46
N LEU B 225 -14.54 -2.95 -15.30
CA LEU B 225 -14.65 -3.51 -16.67
C LEU B 225 -14.62 -2.39 -17.69
N LYS B 226 -13.88 -2.59 -18.77
CA LYS B 226 -13.81 -1.64 -19.87
C LYS B 226 -15.16 -1.56 -20.60
N GLY B 227 -15.84 -2.69 -20.70
CA GLY B 227 -17.10 -2.77 -21.41
C GLY B 227 -17.79 -4.08 -21.15
N GLY B 228 -19.02 -4.20 -21.66
CA GLY B 228 -19.81 -5.41 -21.54
C GLY B 228 -20.57 -5.53 -20.24
N TYR B 229 -21.22 -6.68 -20.08
CA TYR B 229 -21.99 -6.98 -18.88
C TYR B 229 -21.17 -7.81 -17.92
N GLY B 230 -21.37 -7.57 -16.64
CA GLY B 230 -20.72 -8.39 -15.66
C GLY B 230 -20.48 -7.67 -14.36
N ASN B 231 -20.28 -8.45 -13.32
CA ASN B 231 -19.86 -7.91 -12.04
C ASN B 231 -18.68 -8.70 -11.49
N PRO B 232 -17.57 -8.72 -12.23
CA PRO B 232 -16.44 -9.58 -11.82
C PRO B 232 -15.77 -9.13 -10.54
N ALA B 233 -15.21 -10.13 -9.87
CA ALA B 233 -14.50 -9.93 -8.61
C ALA B 233 -13.20 -10.72 -8.59
N ILE B 234 -12.28 -10.25 -7.75
CA ILE B 234 -10.98 -10.89 -7.50
C ILE B 234 -10.90 -11.17 -6.01
N ASP B 235 -10.72 -12.44 -5.64
CA ASP B 235 -10.65 -12.86 -4.25
C ASP B 235 -9.24 -13.14 -3.83
N CYS B 236 -8.78 -12.51 -2.75
CA CYS B 236 -7.42 -12.83 -2.28
C CYS B 236 -7.46 -13.52 -0.91
N LEU B 237 -6.39 -14.28 -0.62
CA LEU B 237 -6.31 -15.04 0.61
C LEU B 237 -5.98 -14.16 1.81
N MET B 238 -5.16 -13.15 1.56
N MET B 238 -5.18 -13.14 1.56
CA MET B 238 -4.87 -12.15 2.57
CA MET B 238 -4.87 -12.13 2.57
C MET B 238 -4.67 -10.80 1.88
C MET B 238 -4.65 -10.80 1.89
N PRO B 239 -5.03 -9.71 2.56
CA PRO B 239 -4.85 -8.41 1.93
C PRO B 239 -3.38 -8.03 1.85
N GLN B 240 -3.09 -7.09 0.98
CA GLN B 240 -1.70 -6.68 0.77
C GLN B 240 -1.08 -6.17 2.07
N GLU B 241 -1.86 -5.49 2.92
CA GLU B 241 -1.30 -5.00 4.18
C GLU B 241 -0.86 -6.12 5.12
N TRP B 242 -1.54 -7.25 5.03
CA TRP B 242 -1.12 -8.37 5.85
C TRP B 242 0.20 -8.94 5.32
N VAL B 243 0.30 -9.06 4.00
CA VAL B 243 1.58 -9.49 3.39
C VAL B 243 2.71 -8.59 3.88
N GLN B 244 2.46 -7.30 3.81
CA GLN B 244 3.49 -6.33 4.20
C GLN B 244 3.85 -6.44 5.67
N HIS B 245 2.84 -6.61 6.53
CA HIS B 245 3.04 -6.67 7.97
C HIS B 245 3.80 -7.96 8.37
N LEU B 246 3.35 -9.08 7.82
CA LEU B 246 3.95 -10.36 8.14
C LEU B 246 5.40 -10.36 7.71
N TYR B 247 5.65 -9.83 6.52
CA TYR B 247 7.02 -9.70 6.05
C TYR B 247 7.91 -8.87 7.01
N GLN B 248 7.38 -7.73 7.45
CA GLN B 248 8.12 -6.85 8.38
C GLN B 248 8.47 -7.52 9.69
N GLU B 249 7.47 -8.16 10.28
CA GLU B 249 7.61 -8.74 11.61
C GLU B 249 8.45 -10.01 11.62
N SER B 250 8.28 -10.87 10.60
CA SER B 250 9.01 -12.13 10.56
C SER B 250 8.92 -12.86 11.89
N ALA B 251 7.71 -12.96 12.44
CA ALA B 251 7.48 -13.62 13.73
C ALA B 251 7.45 -15.13 13.55
N PRO B 252 8.20 -15.88 14.39
CA PRO B 252 8.10 -17.35 14.27
C PRO B 252 6.68 -17.87 14.53
N SER B 253 6.27 -18.82 13.71
CA SER B 253 4.97 -19.47 13.84
C SER B 253 5.07 -20.57 14.90
N LEU B 254 4.21 -20.53 15.91
CA LEU B 254 4.36 -21.49 17.02
C LEU B 254 3.48 -22.74 16.85
N SER B 255 2.64 -22.72 15.82
CA SER B 255 1.86 -23.90 15.44
C SER B 255 1.42 -23.75 14.00
N ASP B 256 0.72 -24.76 13.48
CA ASP B 256 0.25 -24.68 12.09
C ASP B 256 -0.97 -23.77 11.90
N VAL B 257 -1.61 -23.37 13.01
CA VAL B 257 -2.86 -22.59 12.92
C VAL B 257 -2.95 -21.53 14.02
N ALA B 258 -3.21 -20.28 13.63
CA ALA B 258 -3.50 -19.24 14.60
C ALA B 258 -5.03 -19.03 14.67
N LEU B 259 -5.57 -18.89 15.87
CA LEU B 259 -6.97 -18.54 16.01
C LEU B 259 -7.09 -17.01 15.95
N VAL B 260 -7.98 -16.53 15.10
CA VAL B 260 -8.21 -15.09 15.03
C VAL B 260 -9.70 -14.80 15.21
N ARG B 261 -9.99 -13.60 15.68
CA ARG B 261 -11.37 -13.19 15.91
C ARG B 261 -11.61 -11.89 15.14
N TYR B 262 -12.74 -11.81 14.44
CA TYR B 262 -13.14 -10.55 13.80
C TYR B 262 -13.97 -9.79 14.81
N VAL B 263 -13.45 -8.64 15.25
CA VAL B 263 -14.02 -7.94 16.38
C VAL B 263 -14.43 -6.53 16.02
N ASN B 264 -15.41 -5.99 16.73
CA ASN B 264 -15.73 -4.58 16.63
C ASN B 264 -14.77 -3.78 17.50
N PRO B 265 -13.99 -2.87 16.88
CA PRO B 265 -12.93 -2.10 17.56
C PRO B 265 -13.44 -1.20 18.67
N GLU B 266 -14.63 -0.62 18.47
CA GLU B 266 -15.22 0.23 19.50
C GLU B 266 -15.63 -0.60 20.72
N THR B 267 -16.32 -1.71 20.48
CA THR B 267 -16.92 -2.49 21.56
C THR B 267 -16.13 -3.74 21.96
N GLY B 268 -15.29 -4.24 21.06
CA GLY B 268 -14.46 -5.38 21.37
C GLY B 268 -15.15 -6.73 21.28
N ARG B 269 -16.44 -6.72 20.96
CA ARG B 269 -17.17 -7.97 20.86
C ARG B 269 -16.77 -8.76 19.61
N THR B 270 -16.75 -10.08 19.74
CA THR B 270 -16.41 -10.97 18.63
C THR B 270 -17.59 -11.18 17.69
N LEU B 271 -17.41 -10.81 16.44
CA LEU B 271 -18.43 -11.06 15.42
C LEU B 271 -18.36 -12.50 14.93
N PHE B 272 -17.15 -12.98 14.67
CA PHE B 272 -16.97 -14.39 14.33
C PHE B 272 -15.52 -14.80 14.52
N GLU B 273 -15.23 -16.09 14.53
CA GLU B 273 -13.85 -16.53 14.60
C GLU B 273 -13.42 -17.29 13.37
N ALA B 274 -12.10 -17.29 13.16
CA ALA B 274 -11.53 -17.95 11.99
C ALA B 274 -10.21 -18.59 12.34
N LYS B 275 -9.82 -19.55 11.52
CA LYS B 275 -8.47 -20.10 11.58
C LYS B 275 -7.56 -19.45 10.56
N LEU B 276 -6.42 -18.95 11.02
CA LEU B 276 -5.43 -18.36 10.11
C LEU B 276 -4.30 -19.37 9.98
N HIS B 277 -4.20 -19.99 8.80
CA HIS B 277 -3.24 -21.08 8.59
C HIS B 277 -1.83 -20.59 8.35
N ARG B 278 -0.84 -21.37 8.80
CA ARG B 278 0.55 -20.96 8.74
C ARG B 278 0.99 -20.54 7.33
N ASN B 279 0.48 -21.22 6.29
CA ASN B 279 0.91 -20.91 4.92
C ASN B 279 0.33 -19.58 4.42
N GLY B 280 -0.68 -19.07 5.12
CA GLY B 280 -1.21 -17.72 4.83
C GLY B 280 -2.58 -17.72 4.17
N PHE B 281 -3.56 -18.29 4.86
CA PHE B 281 -4.96 -18.23 4.39
C PHE B 281 -5.91 -18.51 5.56
N LEU B 282 -7.17 -18.14 5.37
CA LEU B 282 -8.18 -18.22 6.43
C LEU B 282 -9.25 -19.26 6.12
N THR B 283 -9.72 -19.94 7.16
CA THR B 283 -10.94 -20.74 7.03
C THR B 283 -11.93 -20.35 8.13
N VAL B 284 -13.21 -20.54 7.84
CA VAL B 284 -14.29 -20.30 8.78
C VAL B 284 -15.27 -21.46 8.73
N ALA B 285 -16.09 -21.58 9.75
CA ALA B 285 -17.18 -22.55 9.77
C ALA B 285 -18.44 -21.83 9.27
N ARG B 286 -18.72 -21.97 7.98
CA ARG B 286 -19.85 -21.31 7.35
C ARG B 286 -20.42 -22.19 6.22
N ASN B 287 -21.72 -22.39 6.23
CA ASN B 287 -22.37 -23.29 5.27
C ASN B 287 -22.96 -22.55 4.08
N SER B 288 -22.76 -21.25 4.05
CA SER B 288 -23.35 -20.37 3.06
C SER B 288 -22.30 -19.87 2.08
N ALA B 289 -22.71 -19.62 0.85
CA ALA B 289 -21.82 -18.95 -0.08
C ALA B 289 -22.18 -17.47 -0.11
N GLY B 290 -21.26 -16.65 -0.58
CA GLY B 290 -21.60 -15.27 -0.85
C GLY B 290 -20.94 -14.31 0.10
N PRO B 291 -21.27 -13.04 -0.05
CA PRO B 291 -20.62 -12.05 0.81
C PRO B 291 -20.99 -12.29 2.25
N VAL B 292 -20.08 -11.94 3.15
CA VAL B 292 -20.33 -12.02 4.57
C VAL B 292 -21.03 -10.77 5.08
N VAL B 293 -22.15 -10.95 5.78
CA VAL B 293 -22.85 -9.80 6.33
C VAL B 293 -22.24 -9.54 7.69
N ALA B 294 -21.35 -8.54 7.75
CA ALA B 294 -20.68 -8.14 8.97
C ALA B 294 -20.30 -6.68 8.82
N PRO B 295 -20.10 -5.97 9.95
CA PRO B 295 -19.69 -4.56 9.85
C PRO B 295 -18.33 -4.43 9.16
N THR B 296 -18.17 -3.38 8.35
CA THR B 296 -16.91 -3.15 7.66
C THR B 296 -15.87 -2.58 8.61
N ASN B 297 -16.31 -2.01 9.74
CA ASN B 297 -15.34 -1.43 10.66
C ASN B 297 -14.77 -2.48 11.63
N GLY B 298 -15.07 -3.76 11.43
CA GLY B 298 -14.48 -4.84 12.24
C GLY B 298 -13.02 -5.09 11.82
N TYR B 299 -12.22 -5.73 12.67
CA TYR B 299 -10.87 -6.12 12.27
C TYR B 299 -10.50 -7.46 12.91
N PHE B 300 -9.51 -8.14 12.35
CA PHE B 300 -9.06 -9.44 12.87
C PHE B 300 -8.02 -9.26 13.98
N ARG B 301 -8.26 -9.93 15.10
CA ARG B 301 -7.35 -9.90 16.25
C ARG B 301 -6.81 -11.30 16.45
N PHE B 302 -5.49 -11.43 16.67
CA PHE B 302 -4.87 -12.72 16.97
C PHE B 302 -5.24 -13.12 18.39
N ASP B 303 -5.79 -14.32 18.53
CA ASP B 303 -6.28 -14.79 19.82
C ASP B 303 -5.26 -15.69 20.50
N SER B 304 -4.86 -16.75 19.81
CA SER B 304 -3.80 -17.64 20.31
C SER B 304 -3.43 -18.65 19.23
N TRP B 305 -2.32 -19.35 19.46
CA TRP B 305 -1.95 -20.46 18.58
C TRP B 305 -2.78 -21.69 18.94
N VAL B 306 -3.39 -22.32 17.93
CA VAL B 306 -4.19 -23.52 18.16
C VAL B 306 -3.70 -24.52 17.16
N ASN B 307 -4.50 -25.53 16.86
CA ASN B 307 -4.13 -26.44 15.79
C ASN B 307 -5.30 -26.75 14.86
N GLN B 308 -5.09 -27.70 13.95
CA GLN B 308 -6.07 -27.94 12.90
C GLN B 308 -7.38 -28.48 13.47
N PHE B 309 -7.34 -28.98 14.71
CA PHE B 309 -8.49 -29.67 15.29
C PHE B 309 -9.41 -28.76 16.10
N TYR B 310 -9.06 -27.46 16.17
CA TYR B 310 -9.87 -26.50 16.88
C TYR B 310 -11.24 -26.34 16.21
N THR B 311 -12.30 -26.43 16.99
CA THR B 311 -13.62 -26.35 16.40
C THR B 311 -14.10 -24.92 16.49
N LEU B 312 -14.28 -24.28 15.33
CA LEU B 312 -14.75 -22.91 15.28
C LEU B 312 -16.25 -22.80 15.51
N ALA B 313 -16.66 -21.72 16.17
CA ALA B 313 -18.07 -21.40 16.24
C ALA B 313 -18.59 -21.05 14.84
N PRO B 314 -19.77 -21.56 14.50
CA PRO B 314 -20.36 -21.28 13.19
C PRO B 314 -20.64 -19.80 13.01
N MET B 315 -20.56 -19.33 11.78
CA MET B 315 -20.90 -17.93 11.54
C MET B 315 -22.03 -17.80 10.51
N ASP C 1 8.38 32.07 -0.24
CA ASP C 1 7.16 32.60 -0.84
C ASP C 1 6.30 33.34 0.17
N VAL C 2 6.68 33.28 1.44
CA VAL C 2 6.08 34.12 2.48
C VAL C 2 6.93 35.37 2.68
N GLN C 3 6.28 36.53 2.81
CA GLN C 3 6.99 37.77 3.11
C GLN C 3 7.03 37.97 4.61
N LEU C 4 8.17 38.41 5.11
CA LEU C 4 8.39 38.60 6.51
C LEU C 4 8.92 39.99 6.79
N VAL C 5 8.57 40.54 7.93
CA VAL C 5 9.16 41.77 8.36
C VAL C 5 9.25 41.81 9.84
N GLU C 6 10.45 42.11 10.33
CA GLU C 6 10.67 42.15 11.73
C GLU C 6 10.89 43.60 12.19
N SER C 7 10.68 43.85 13.45
CA SER C 7 10.91 45.17 14.02
C SER C 7 11.10 45.11 15.54
N GLY C 8 11.42 46.24 16.17
CA GLY C 8 11.51 46.25 17.61
C GLY C 8 12.94 46.26 18.12
N GLY C 9 13.89 46.32 17.19
CA GLY C 9 15.30 46.37 17.52
C GLY C 9 15.64 47.75 18.03
N GLY C 10 16.87 47.92 18.47
CA GLY C 10 17.28 49.21 18.99
C GLY C 10 18.53 49.07 19.78
N LEU C 11 18.84 50.12 20.52
CA LEU C 11 20.02 50.16 21.37
C LEU C 11 19.56 49.98 22.81
N VAL C 12 20.16 49.03 23.51
CA VAL C 12 19.72 48.78 24.87
C VAL C 12 20.95 48.62 25.77
N GLN C 13 20.83 49.01 27.03
CA GLN C 13 21.93 48.90 27.98
C GLN C 13 21.99 47.44 28.44
N PRO C 14 23.19 46.97 28.80
CA PRO C 14 23.34 45.58 29.27
C PRO C 14 22.46 45.34 30.50
N GLY C 15 21.83 44.17 30.54
CA GLY C 15 20.83 43.84 31.55
C GLY C 15 19.44 44.31 31.16
N GLY C 16 19.34 45.03 30.05
CA GLY C 16 18.10 45.57 29.56
C GLY C 16 17.22 44.54 28.88
N SER C 17 16.07 45.00 28.39
CA SER C 17 15.10 44.15 27.71
C SER C 17 14.62 44.76 26.40
N LEU C 18 14.27 43.90 25.46
CA LEU C 18 13.71 44.29 24.19
C LEU C 18 12.65 43.28 23.81
N ARG C 19 11.68 43.75 23.06
CA ARG C 19 10.67 42.87 22.51
C ARG C 19 10.67 43.05 21.00
N LEU C 20 11.06 42.02 20.25
CA LEU C 20 11.07 42.09 18.80
C LEU C 20 9.77 41.57 18.18
N SER C 21 9.41 42.08 17.03
CA SER C 21 8.19 41.70 16.34
C SER C 21 8.41 41.20 14.95
N CYS C 22 7.62 40.22 14.57
CA CYS C 22 7.71 39.69 13.24
C CYS C 22 6.33 39.47 12.71
N ALA C 23 6.08 39.95 11.51
CA ALA C 23 4.82 39.72 10.84
C ALA C 23 5.06 38.91 9.58
N ALA C 24 4.10 38.06 9.22
CA ALA C 24 4.20 37.23 8.03
C ALA C 24 3.01 37.44 7.11
N SER C 25 3.19 37.23 5.80
CA SER C 25 2.12 37.45 4.83
C SER C 25 1.12 36.31 4.76
N GLU C 26 1.37 35.25 5.51
CA GLU C 26 0.41 34.16 5.63
C GLU C 26 0.25 33.80 7.09
N SER C 27 -0.79 33.04 7.39
CA SER C 27 -1.13 32.69 8.77
C SER C 27 0.02 31.94 9.42
N ILE C 28 0.53 32.47 10.55
CA ILE C 28 1.65 31.81 11.20
C ILE C 28 1.22 30.45 11.75
N LEU C 29 -0.07 30.28 12.02
CA LEU C 29 -0.57 29.01 12.48
C LEU C 29 -0.63 27.95 11.36
N SER C 30 -0.45 28.38 10.12
CA SER C 30 -0.35 27.42 9.00
C SER C 30 1.07 26.82 8.82
N PHE C 31 2.04 27.33 9.56
CA PHE C 31 3.42 26.86 9.49
C PHE C 31 3.67 25.82 10.55
N ASN C 32 4.47 24.82 10.23
CA ASN C 32 4.87 23.85 11.25
C ASN C 32 5.69 24.51 12.37
N HIS C 33 6.52 25.47 11.99
CA HIS C 33 7.36 26.18 12.95
C HIS C 33 7.44 27.68 12.65
N MET C 34 7.75 28.45 13.68
CA MET C 34 8.28 29.78 13.48
C MET C 34 9.57 29.92 14.29
N ALA C 35 10.54 30.68 13.80
CA ALA C 35 11.83 30.73 14.47
C ALA C 35 12.48 32.10 14.38
N TRP C 36 13.32 32.39 15.37
CA TRP C 36 14.14 33.58 15.36
C TRP C 36 15.60 33.16 15.16
N TYR C 37 16.31 33.98 14.39
CA TYR C 37 17.71 33.73 14.03
C TYR C 37 18.51 34.97 14.36
N ARG C 38 19.82 34.84 14.49
CA ARG C 38 20.61 36.06 14.61
C ARG C 38 21.94 35.92 13.89
N GLN C 39 22.47 37.06 13.48
CA GLN C 39 23.73 37.10 12.77
C GLN C 39 24.56 38.24 13.29
N GLY C 40 25.65 37.89 13.94
CA GLY C 40 26.66 38.82 14.37
C GLY C 40 27.53 39.27 13.24
N PRO C 41 28.30 40.42 13.50
CA PRO C 41 29.03 40.90 12.32
C PRO C 41 30.11 39.88 12.00
N GLY C 42 30.29 39.63 10.72
CA GLY C 42 31.18 38.60 10.23
C GLY C 42 30.82 37.18 10.57
N GLU C 43 29.58 36.94 10.98
CA GLU C 43 29.16 35.63 11.41
C GLU C 43 28.15 35.05 10.46
N GLN C 44 27.83 33.79 10.63
CA GLN C 44 26.73 33.17 9.91
C GLN C 44 25.44 33.34 10.72
N ARG C 45 24.28 33.28 10.05
CA ARG C 45 23.00 33.29 10.77
C ARG C 45 22.88 32.04 11.64
N GLU C 46 22.47 32.20 12.89
CA GLU C 46 22.34 31.06 13.78
C GLU C 46 20.93 31.03 14.37
N LEU C 47 20.42 29.81 14.56
CA LEU C 47 19.11 29.63 15.17
C LEU C 47 19.12 30.05 16.64
N VAL C 48 18.13 30.85 17.04
CA VAL C 48 18.04 31.36 18.42
C VAL C 48 16.90 30.74 19.21
N ALA C 49 15.73 30.67 18.59
CA ALA C 49 14.51 30.21 19.25
C ALA C 49 13.53 29.67 18.21
N VAL C 50 12.76 28.66 18.58
CA VAL C 50 11.80 28.08 17.66
C VAL C 50 10.52 27.73 18.43
N ILE C 51 9.36 27.88 17.79
CA ILE C 51 8.08 27.48 18.40
C ILE C 51 7.23 26.73 17.42
N THR C 52 6.59 25.65 17.89
CA THR C 52 5.60 24.88 17.11
C THR C 52 4.18 25.44 17.21
N ARG C 53 3.23 24.94 16.42
CA ARG C 53 1.86 25.45 16.48
C ARG C 53 1.13 25.40 17.81
N GLU C 54 1.27 24.31 18.51
CA GLU C 54 0.63 24.17 19.80
C GLU C 54 1.28 25.04 20.84
N GLY C 55 2.53 25.46 20.59
CA GLY C 55 3.19 26.34 21.53
C GLY C 55 4.44 25.78 22.20
N SER C 56 4.92 24.64 21.71
CA SER C 56 6.16 24.03 22.20
C SER C 56 7.41 24.82 21.74
N THR C 57 8.35 25.08 22.66
CA THR C 57 9.48 25.97 22.38
C THR C 57 10.84 25.37 22.69
N ASP C 58 11.88 25.88 22.03
CA ASP C 58 13.27 25.52 22.36
C ASP C 58 14.22 26.66 21.99
N TYR C 59 15.38 26.72 22.65
CA TYR C 59 16.27 27.88 22.56
C TYR C 59 17.73 27.47 22.47
N ALA C 60 18.55 28.33 21.89
CA ALA C 60 20.00 28.14 21.91
C ALA C 60 20.47 28.16 23.37
N ASP C 61 21.53 27.40 23.68
CA ASP C 61 21.97 27.29 25.07
C ASP C 61 22.30 28.65 25.66
N SER C 62 22.84 29.54 24.83
CA SER C 62 23.32 30.87 25.27
C SER C 62 22.20 31.85 25.62
N VAL C 63 20.99 31.58 25.16
CA VAL C 63 19.88 32.48 25.45
C VAL C 63 18.77 31.83 26.28
N LYS C 64 18.92 30.54 26.53
CA LYS C 64 17.94 29.76 27.27
C LYS C 64 17.81 30.33 28.67
N GLY C 65 16.57 30.64 29.06
CA GLY C 65 16.30 31.28 30.33
C GLY C 65 16.28 32.79 30.30
N ARG C 66 16.70 33.39 29.19
CA ARG C 66 16.67 34.85 29.03
C ARG C 66 15.71 35.30 27.94
N PHE C 67 15.48 34.44 26.94
CA PHE C 67 14.65 34.80 25.80
C PHE C 67 13.36 33.97 25.83
N THR C 68 12.25 34.57 25.40
CA THR C 68 10.99 33.83 25.20
C THR C 68 10.44 34.11 23.83
N ILE C 69 10.09 33.05 23.10
CA ILE C 69 9.44 33.20 21.81
C ILE C 69 7.96 32.90 22.01
N SER C 70 7.11 33.70 21.39
CA SER C 70 5.67 33.53 21.52
C SER C 70 4.92 34.07 20.31
N ARG C 71 3.61 33.83 20.25
CA ARG C 71 2.79 34.28 19.16
C ARG C 71 1.73 35.25 19.68
N ASP C 72 1.23 36.11 18.80
CA ASP C 72 0.16 37.04 19.16
C ASP C 72 -1.18 36.38 18.91
N ASN C 73 -2.01 36.32 19.97
CA ASN C 73 -3.32 35.67 19.87
C ASN C 73 -4.33 36.52 19.10
N ALA C 74 -4.10 37.83 19.00
CA ALA C 74 -5.01 38.69 18.25
C ALA C 74 -4.55 38.98 16.81
N LYS C 75 -3.23 39.07 16.60
CA LYS C 75 -2.66 39.39 15.29
C LYS C 75 -1.81 38.28 14.69
N ASN C 76 -1.46 38.43 13.42
CA ASN C 76 -0.58 37.49 12.71
C ASN C 76 0.91 37.72 12.97
N MET C 77 1.31 37.68 14.23
CA MET C 77 2.67 38.04 14.58
C MET C 77 3.36 37.11 15.58
N VAL C 78 4.68 37.04 15.49
CA VAL C 78 5.50 36.32 16.46
C VAL C 78 6.45 37.29 17.15
N TYR C 79 6.78 36.99 18.39
CA TYR C 79 7.62 37.88 19.20
C TYR C 79 8.86 37.17 19.73
N LEU C 80 9.90 37.95 19.99
CA LEU C 80 11.03 37.46 20.75
C LEU C 80 11.23 38.44 21.90
N LEU C 81 10.87 38.00 23.10
CA LEU C 81 11.08 38.84 24.28
C LEU C 81 12.46 38.52 24.82
N MET C 82 13.33 39.52 24.84
CA MET C 82 14.69 39.28 25.27
C MET C 82 14.97 40.02 26.57
N SER C 83 15.44 39.30 27.58
CA SER C 83 15.75 39.90 28.89
C SER C 83 17.20 39.66 29.30
N ASN C 84 17.67 40.47 30.24
CA ASN C 84 19.08 40.43 30.65
C ASN C 84 20.01 40.44 29.44
N LEU C 85 19.78 41.39 28.55
CA LEU C 85 20.56 41.46 27.32
C LEU C 85 22.03 41.72 27.60
N ARG C 86 22.90 41.03 26.87
CA ARG C 86 24.36 41.16 27.09
C ARG C 86 25.03 41.63 25.82
N PRO C 87 26.20 42.27 25.95
CA PRO C 87 26.82 42.82 24.73
C PRO C 87 26.96 41.75 23.65
N GLU C 88 27.24 40.52 24.03
CA GLU C 88 27.41 39.45 23.04
C GLU C 88 26.10 39.06 22.33
N ASP C 89 24.97 39.57 22.82
CA ASP C 89 23.69 39.40 22.12
C ASP C 89 23.54 40.35 20.92
N THR C 90 24.47 41.29 20.80
CA THR C 90 24.41 42.23 19.69
C THR C 90 24.48 41.50 18.35
N ALA C 91 23.49 41.74 17.50
CA ALA C 91 23.37 41.06 16.22
C ALA C 91 22.17 41.60 15.46
N VAL C 92 22.05 41.22 14.20
CA VAL C 92 20.82 41.47 13.46
C VAL C 92 19.94 40.24 13.63
N TYR C 93 18.68 40.46 14.04
CA TYR C 93 17.76 39.34 14.29
C TYR C 93 16.74 39.22 13.18
N TYR C 94 16.45 37.96 12.81
CA TYR C 94 15.52 37.66 11.73
C TYR C 94 14.53 36.64 12.22
N CYS C 95 13.30 36.73 11.73
CA CYS C 95 12.29 35.69 11.92
C CYS C 95 12.05 34.93 10.62
N ASN C 96 11.71 33.66 10.71
CA ASN C 96 11.39 32.94 9.51
C ASN C 96 10.59 31.69 9.85
N ARG C 97 9.83 31.21 8.87
CA ARG C 97 9.13 29.95 8.99
C ARG C 97 10.08 28.78 8.71
N GLY C 98 11.23 29.10 8.13
CA GLY C 98 12.25 28.12 7.82
C GLY C 98 13.35 28.74 6.99
N ILE C 99 14.47 28.04 6.81
CA ILE C 99 15.61 28.71 6.17
C ILE C 99 15.52 28.71 4.65
N SER C 100 14.54 28.01 4.09
CA SER C 100 14.40 27.98 2.63
C SER C 100 13.55 29.14 2.12
N ASN C 101 13.03 29.96 3.05
CA ASN C 101 12.16 31.08 2.69
C ASN C 101 12.99 32.34 2.64
N PRO C 102 12.79 33.19 1.61
CA PRO C 102 13.60 34.42 1.53
C PRO C 102 13.46 35.23 2.81
N TRP C 103 14.55 35.85 3.21
CA TRP C 103 14.62 36.52 4.50
C TRP C 103 14.10 37.94 4.44
N GLY C 104 13.56 38.39 5.57
CA GLY C 104 13.15 39.78 5.74
C GLY C 104 14.36 40.66 5.98
N GLN C 105 14.12 41.93 6.27
CA GLN C 105 15.16 42.91 6.48
C GLN C 105 16.03 42.60 7.69
N GLY C 106 15.39 42.08 8.73
CA GLY C 106 16.06 41.83 9.99
C GLY C 106 15.91 43.11 10.80
N THR C 107 16.11 43.02 12.10
CA THR C 107 16.13 44.21 12.95
C THR C 107 17.40 44.15 13.79
N GLN C 108 18.18 45.24 13.76
CA GLN C 108 19.44 45.30 14.50
C GLN C 108 19.19 45.51 15.99
N VAL C 109 19.86 44.69 16.79
CA VAL C 109 19.86 44.82 18.23
C VAL C 109 21.27 45.10 18.70
N THR C 110 21.46 46.21 19.41
CA THR C 110 22.78 46.53 19.92
C THR C 110 22.72 46.67 21.43
N VAL C 111 23.52 45.87 22.13
CA VAL C 111 23.55 45.94 23.58
C VAL C 111 24.88 46.56 23.98
N SER C 112 24.81 47.84 24.35
CA SER C 112 25.98 48.65 24.65
C SER C 112 25.72 49.66 25.76
N SER C 113 26.77 50.00 26.49
CA SER C 113 26.72 51.09 27.47
C SER C 113 26.99 52.41 26.76
N HIS C 114 27.26 52.33 25.46
CA HIS C 114 27.77 53.47 24.70
C HIS C 114 26.86 53.83 23.52
N ASP D 1 -10.70 -31.76 -7.74
CA ASP D 1 -10.23 -32.00 -9.10
C ASP D 1 -9.13 -33.07 -9.12
N VAL D 2 -8.66 -33.44 -7.93
CA VAL D 2 -7.68 -34.50 -7.76
C VAL D 2 -8.40 -35.83 -7.45
N GLN D 3 -7.94 -36.94 -8.04
CA GLN D 3 -8.51 -38.26 -7.76
C GLN D 3 -7.71 -38.99 -6.68
N LEU D 4 -8.40 -39.62 -5.76
CA LEU D 4 -7.75 -40.26 -4.65
C LEU D 4 -8.19 -41.69 -4.50
N VAL D 5 -7.30 -42.53 -4.05
CA VAL D 5 -7.69 -43.88 -3.70
C VAL D 5 -7.02 -44.32 -2.43
N GLU D 6 -7.79 -44.90 -1.54
CA GLU D 6 -7.22 -45.40 -0.30
C GLU D 6 -7.44 -46.90 -0.20
N SER D 7 -6.57 -47.54 0.57
CA SER D 7 -6.65 -48.98 0.80
C SER D 7 -5.94 -49.37 2.07
N GLY D 8 -6.09 -50.64 2.42
CA GLY D 8 -5.39 -51.23 3.53
C GLY D 8 -6.26 -51.54 4.72
N GLY D 9 -7.56 -51.24 4.66
CA GLY D 9 -8.46 -51.56 5.75
C GLY D 9 -8.72 -53.07 5.73
N GLY D 10 -9.41 -53.56 6.75
CA GLY D 10 -9.72 -54.97 6.89
C GLY D 10 -10.20 -55.20 8.31
N LEU D 11 -10.32 -56.47 8.70
CA LEU D 11 -10.80 -56.85 10.02
C LEU D 11 -9.63 -57.23 10.91
N VAL D 12 -9.55 -56.60 12.07
CA VAL D 12 -8.43 -56.84 12.98
C VAL D 12 -8.91 -56.97 14.43
N GLN D 13 -8.17 -57.72 15.25
CA GLN D 13 -8.49 -57.87 16.66
C GLN D 13 -7.99 -56.64 17.43
N PRO D 14 -8.59 -56.33 18.59
CA PRO D 14 -8.11 -55.19 19.39
C PRO D 14 -6.62 -55.33 19.75
N GLY D 15 -5.88 -54.23 19.72
CA GLY D 15 -4.44 -54.26 19.92
C GLY D 15 -3.68 -54.50 18.62
N GLY D 16 -4.43 -54.76 17.55
CA GLY D 16 -3.83 -55.03 16.26
C GLY D 16 -3.31 -53.78 15.56
N SER D 17 -2.76 -54.00 14.37
CA SER D 17 -2.17 -52.92 13.57
C SER D 17 -2.60 -53.01 12.11
N LEU D 18 -2.68 -51.86 11.46
CA LEU D 18 -3.00 -51.79 10.04
C LEU D 18 -2.19 -50.65 9.45
N ARG D 19 -1.90 -50.73 8.16
CA ARG D 19 -1.30 -49.60 7.46
C ARG D 19 -2.21 -49.21 6.31
N LEU D 20 -2.72 -47.99 6.34
CA LEU D 20 -3.52 -47.47 5.23
C LEU D 20 -2.61 -46.72 4.28
N SER D 21 -2.93 -46.84 2.99
CA SER D 21 -2.17 -46.22 1.91
C SER D 21 -3.10 -45.36 1.09
N CYS D 22 -2.61 -44.22 0.64
CA CYS D 22 -3.41 -43.33 -0.19
C CYS D 22 -2.59 -42.89 -1.38
N ALA D 23 -3.17 -43.01 -2.58
CA ALA D 23 -2.51 -42.60 -3.82
C ALA D 23 -3.28 -41.40 -4.39
N ALA D 24 -2.57 -40.45 -4.97
CA ALA D 24 -3.23 -39.28 -5.55
C ALA D 24 -2.83 -39.11 -7.00
N SER D 25 -3.75 -38.56 -7.80
CA SER D 25 -3.52 -38.38 -9.24
C SER D 25 -2.68 -37.13 -9.58
N GLU D 26 -2.35 -36.32 -8.58
CA GLU D 26 -1.48 -35.17 -8.77
C GLU D 26 -0.45 -35.12 -7.67
N SER D 27 0.57 -34.28 -7.86
CA SER D 27 1.68 -34.20 -6.94
C SER D 27 1.22 -33.70 -5.58
N ILE D 28 1.44 -34.51 -4.55
CA ILE D 28 1.04 -34.15 -3.20
C ILE D 28 1.88 -32.97 -2.69
N LEU D 29 3.02 -32.73 -3.34
CA LEU D 29 3.85 -31.60 -2.96
C LEU D 29 3.25 -30.27 -3.41
N SER D 30 2.24 -30.29 -4.27
CA SER D 30 1.59 -29.04 -4.65
C SER D 30 0.48 -28.62 -3.67
N PHE D 31 0.09 -29.53 -2.78
CA PHE D 31 -0.98 -29.25 -1.81
C PHE D 31 -0.38 -28.80 -0.48
N ASN D 32 -1.07 -27.84 0.11
CA ASN D 32 -0.65 -27.52 1.44
CA ASN D 32 -0.68 -27.49 1.39
C ASN D 32 -0.53 -28.60 2.65
N HIS D 33 -1.58 -29.38 2.47
CA HIS D 33 -1.85 -30.48 3.39
C HIS D 33 -2.31 -31.75 2.70
N MET D 34 -2.07 -32.89 3.35
CA MET D 34 -2.78 -34.12 3.12
C MET D 34 -3.32 -34.61 4.48
N ALA D 35 -4.44 -35.31 4.48
CA ALA D 35 -5.06 -35.69 5.74
C ALA D 35 -5.81 -36.99 5.62
N TRP D 36 -5.96 -37.66 6.75
CA TRP D 36 -6.81 -38.83 6.85
C TRP D 36 -8.05 -38.47 7.65
N TYR D 37 -9.18 -39.02 7.22
CA TYR D 37 -10.49 -38.78 7.81
C TYR D 37 -11.12 -40.12 8.13
N ARG D 38 -12.08 -40.15 9.04
CA ARG D 38 -12.84 -41.37 9.22
C ARG D 38 -14.30 -41.06 9.52
N GLN D 39 -15.14 -42.00 9.17
CA GLN D 39 -16.55 -41.83 9.33
C GLN D 39 -17.18 -43.12 9.82
N GLY D 40 -17.74 -43.09 11.03
CA GLY D 40 -18.51 -44.22 11.55
C GLY D 40 -19.94 -44.21 11.03
N PRO D 41 -20.66 -45.32 11.23
CA PRO D 41 -22.04 -45.42 10.74
C PRO D 41 -22.96 -44.36 11.33
N GLY D 42 -23.69 -43.68 10.47
CA GLY D 42 -24.64 -42.66 10.90
C GLY D 42 -24.02 -41.40 11.46
N GLU D 43 -22.72 -41.21 11.19
CA GLU D 43 -22.00 -40.05 11.71
C GLU D 43 -21.34 -39.23 10.61
N GLN D 44 -20.95 -38.00 10.92
CA GLN D 44 -20.28 -37.15 9.95
C GLN D 44 -18.80 -37.53 9.92
N ARG D 45 -18.13 -37.26 8.80
CA ARG D 45 -16.70 -37.49 8.66
C ARG D 45 -15.91 -36.67 9.67
N GLU D 46 -14.86 -37.25 10.24
CA GLU D 46 -14.03 -36.54 11.21
C GLU D 46 -12.57 -36.59 10.79
N LEU D 47 -11.85 -35.50 11.08
CA LEU D 47 -10.43 -35.45 10.83
C LEU D 47 -9.69 -36.34 11.82
N VAL D 48 -8.74 -37.13 11.32
CA VAL D 48 -7.96 -38.03 12.18
C VAL D 48 -6.52 -37.56 12.31
N ALA D 49 -5.90 -37.21 11.18
CA ALA D 49 -4.49 -36.86 11.16
C ALA D 49 -4.20 -35.98 9.97
N VAL D 50 -3.24 -35.06 10.11
CA VAL D 50 -2.93 -34.16 9.01
C VAL D 50 -1.41 -34.02 8.91
N ILE D 51 -0.91 -33.86 7.68
CA ILE D 51 0.52 -33.65 7.50
C ILE D 51 0.70 -32.50 6.54
N THR D 52 1.62 -31.60 6.88
CA THR D 52 1.89 -30.49 6.00
C THR D 52 2.87 -30.90 4.91
N ARG D 53 3.05 -29.98 3.97
CA ARG D 53 3.99 -30.18 2.88
C ARG D 53 5.40 -30.43 3.42
N GLU D 54 5.74 -29.76 4.53
CA GLU D 54 7.04 -29.91 5.16
C GLU D 54 7.17 -31.20 5.99
N GLY D 55 6.06 -31.89 6.25
CA GLY D 55 6.12 -33.13 7.00
C GLY D 55 5.73 -33.00 8.47
N SER D 56 5.23 -31.82 8.84
CA SER D 56 4.77 -31.56 10.19
C SER D 56 3.41 -32.21 10.39
N THR D 57 3.21 -32.84 11.55
CA THR D 57 1.99 -33.64 11.72
C THR D 57 1.15 -33.23 12.92
N ASP D 58 -0.13 -33.52 12.85
CA ASP D 58 -0.97 -33.36 14.02
C ASP D 58 -2.09 -34.40 13.99
N TYR D 59 -2.58 -34.73 15.18
CA TYR D 59 -3.48 -35.85 15.38
C TYR D 59 -4.64 -35.52 16.27
N ALA D 60 -5.75 -36.21 16.02
CA ALA D 60 -6.86 -36.14 16.96
C ALA D 60 -6.39 -36.70 18.30
N ASP D 61 -6.96 -36.17 19.38
CA ASP D 61 -6.60 -36.61 20.74
C ASP D 61 -6.83 -38.13 20.88
N SER D 62 -7.83 -38.66 20.19
CA SER D 62 -8.19 -40.08 20.36
C SER D 62 -7.18 -41.05 19.76
N VAL D 63 -6.35 -40.57 18.83
CA VAL D 63 -5.40 -41.48 18.17
C VAL D 63 -3.94 -41.09 18.44
N LYS D 64 -3.76 -40.03 19.21
CA LYS D 64 -2.44 -39.49 19.50
C LYS D 64 -1.58 -40.52 20.25
N GLY D 65 -0.38 -40.78 19.73
CA GLY D 65 0.50 -41.78 20.31
C GLY D 65 0.28 -43.18 19.75
N ARG D 66 -0.80 -43.37 19.00
CA ARG D 66 -1.09 -44.67 18.39
C ARG D 66 -1.03 -44.68 16.86
N PHE D 67 -1.30 -43.53 16.24
CA PHE D 67 -1.33 -43.43 14.77
C PHE D 67 -0.18 -42.55 14.30
N THR D 68 0.39 -42.88 13.15
CA THR D 68 1.38 -42.02 12.52
C THR D 68 1.00 -41.76 11.07
N ILE D 69 0.98 -40.50 10.69
CA ILE D 69 0.73 -40.14 9.29
C ILE D 69 2.09 -39.81 8.67
N SER D 70 2.31 -40.26 7.44
CA SER D 70 3.58 -40.00 6.79
C SER D 70 3.33 -39.86 5.30
N ARG D 71 4.30 -39.28 4.62
CA ARG D 71 4.21 -39.06 3.19
C ARG D 71 5.49 -39.50 2.48
N ASP D 72 5.35 -40.02 1.27
CA ASP D 72 6.48 -40.29 0.39
C ASP D 72 6.31 -39.36 -0.80
N ASN D 73 7.14 -38.34 -0.91
CA ASN D 73 6.93 -37.36 -1.97
C ASN D 73 7.32 -37.93 -3.33
N ALA D 74 8.23 -38.90 -3.33
CA ALA D 74 8.74 -39.45 -4.58
C ALA D 74 7.80 -40.50 -5.14
N LYS D 75 7.00 -41.12 -4.27
CA LYS D 75 6.09 -42.15 -4.76
C LYS D 75 4.69 -41.55 -4.78
N ASN D 76 4.61 -40.30 -4.34
CA ASN D 76 3.36 -39.56 -4.28
C ASN D 76 2.28 -40.29 -3.44
N MET D 77 2.68 -40.73 -2.25
CA MET D 77 1.83 -41.59 -1.44
C MET D 77 1.71 -41.01 -0.03
N VAL D 78 0.55 -41.17 0.61
CA VAL D 78 0.42 -40.84 2.02
C VAL D 78 -0.02 -42.10 2.77
N TYR D 79 0.45 -42.26 4.00
CA TYR D 79 0.19 -43.46 4.78
C TYR D 79 -0.36 -43.12 6.14
N LEU D 80 -1.15 -44.04 6.72
CA LEU D 80 -1.57 -43.95 8.10
C LEU D 80 -1.23 -45.28 8.78
N LEU D 81 -0.21 -45.26 9.63
CA LEU D 81 0.14 -46.47 10.36
C LEU D 81 -0.62 -46.45 11.69
N MET D 82 -1.47 -47.45 11.89
CA MET D 82 -2.34 -47.53 13.06
C MET D 82 -1.90 -48.67 13.95
N SER D 83 -1.56 -48.36 15.19
CA SER D 83 -1.15 -49.40 16.12
C SER D 83 -2.07 -49.36 17.32
N ASN D 84 -2.10 -50.47 18.06
CA ASN D 84 -2.97 -50.62 19.22
C ASN D 84 -4.41 -50.25 18.87
N LEU D 85 -4.92 -50.85 17.80
CA LEU D 85 -6.24 -50.52 17.31
C LEU D 85 -7.33 -50.90 18.33
N ARG D 86 -8.32 -50.04 18.45
CA ARG D 86 -9.39 -50.24 19.44
C ARG D 86 -10.76 -50.35 18.74
N PRO D 87 -11.73 -51.01 19.41
CA PRO D 87 -13.04 -51.15 18.74
C PRO D 87 -13.62 -49.80 18.27
N GLU D 88 -13.38 -48.75 19.03
CA GLU D 88 -13.88 -47.42 18.65
C GLU D 88 -13.18 -46.84 17.43
N ASP D 89 -12.11 -47.48 16.96
CA ASP D 89 -11.45 -47.07 15.72
C ASP D 89 -12.19 -47.57 14.47
N THR D 90 -13.19 -48.43 14.67
CA THR D 90 -13.97 -48.95 13.55
C THR D 90 -14.66 -47.83 12.80
N ALA D 91 -14.40 -47.77 11.49
CA ALA D 91 -14.92 -46.72 10.60
C ALA D 91 -14.43 -46.92 9.18
N VAL D 92 -14.99 -46.15 8.25
CA VAL D 92 -14.46 -46.02 6.90
C VAL D 92 -13.47 -44.85 6.88
N TYR D 93 -12.25 -45.11 6.40
CA TYR D 93 -11.19 -44.09 6.39
C TYR D 93 -10.96 -43.56 4.99
N TYR D 94 -10.73 -42.25 4.90
CA TYR D 94 -10.54 -41.57 3.62
C TYR D 94 -9.31 -40.69 3.71
N CYS D 95 -8.60 -40.53 2.60
CA CYS D 95 -7.53 -39.53 2.53
C CYS D 95 -7.94 -38.41 1.59
N ASN D 96 -7.49 -37.19 1.87
CA ASN D 96 -7.81 -36.08 0.99
C ASN D 96 -6.81 -34.95 1.19
N ARG D 97 -6.77 -34.02 0.23
CA ARG D 97 -5.97 -32.82 0.39
C ARG D 97 -6.72 -31.76 1.22
N GLY D 98 -8.00 -32.01 1.44
CA GLY D 98 -8.84 -31.07 2.16
C GLY D 98 -10.30 -31.45 1.94
N ILE D 99 -11.21 -30.73 2.57
CA ILE D 99 -12.64 -31.06 2.56
C ILE D 99 -13.38 -30.65 1.27
N SER D 100 -12.77 -29.76 0.51
CA SER D 100 -13.45 -29.24 -0.68
C SER D 100 -13.17 -30.07 -1.93
N ASN D 101 -12.34 -31.11 -1.79
CA ASN D 101 -12.00 -31.98 -2.91
C ASN D 101 -12.83 -33.26 -2.87
N PRO D 102 -13.34 -33.74 -4.03
CA PRO D 102 -14.18 -34.96 -4.09
C PRO D 102 -13.51 -36.17 -3.45
N TRP D 103 -14.32 -37.01 -2.79
CA TRP D 103 -13.80 -38.12 -1.98
C TRP D 103 -13.64 -39.40 -2.75
N GLY D 104 -12.67 -40.21 -2.34
CA GLY D 104 -12.56 -41.56 -2.86
C GLY D 104 -13.56 -42.48 -2.19
N GLN D 105 -13.49 -43.75 -2.56
CA GLN D 105 -14.39 -44.78 -2.07
C GLN D 105 -14.22 -45.05 -0.57
N GLY D 106 -13.02 -44.85 -0.05
CA GLY D 106 -12.77 -45.16 1.34
C GLY D 106 -12.32 -46.59 1.56
N THR D 107 -11.75 -46.84 2.74
CA THR D 107 -11.37 -48.21 3.11
C THR D 107 -11.94 -48.53 4.49
N GLN D 108 -12.67 -49.64 4.60
CA GLN D 108 -13.28 -50.02 5.87
C GLN D 108 -12.28 -50.64 6.83
N VAL D 109 -12.29 -50.14 8.06
CA VAL D 109 -11.49 -50.71 9.14
C VAL D 109 -12.45 -51.24 10.20
N THR D 110 -12.31 -52.51 10.54
CA THR D 110 -13.17 -53.07 11.56
C THR D 110 -12.31 -53.69 12.63
N VAL D 111 -12.50 -53.23 13.87
CA VAL D 111 -11.79 -53.77 15.01
C VAL D 111 -12.74 -54.53 15.95
N SER D 112 -12.65 -55.86 15.94
CA SER D 112 -13.56 -56.67 16.75
C SER D 112 -12.87 -57.91 17.31
#